data_2VMY
#
_entry.id   2VMY
#
_cell.length_a   57.382
_cell.length_b   103.483
_cell.length_c   61.959
_cell.angle_alpha   90.00
_cell.angle_beta   90.33
_cell.angle_gamma   90.00
#
_symmetry.space_group_name_H-M   'P 1 21 1'
#
loop_
_entity.id
_entity.type
_entity.pdbx_description
1 polymer 'SERINE HYDROXYMETHYLTRANSFERASE'
2 non-polymer GLYCINE
3 non-polymer "PYRIDOXAL-5'-PHOSPHATE"
4 non-polymer 'N-[4-({[(6S)-2-amino-5-formyl-4-oxo-3,4,5,6,7,8-hexahydropteridin-6-yl]methyl}amino)benzoyl]-L-glutamic acid'
5 non-polymer (4R)-2-METHYLPENTANE-2,4-DIOL
6 water water
#
_entity_poly.entity_id   1
_entity_poly.type   'polypeptide(L)'
_entity_poly.pdbx_seq_one_letter_code
;MKYLPQQDPQVFAAIEQERKRQHAKIELIASENFVSRAVMEAQGSVLTNKYAEGYPGRRYYGGCEYVDIVEELARERAKQ
LFGAEHANVQPHSGAQANMAVYFTVLEHGDTVLGMNLSHGGHLTHGSPVNFSGVQYNFVAYGVDPETHVIDYDDVREKAR
LHRPKLIVAAASAYPRIIDFAKFREIADEVGAYLMVDMAHIAGLVAAGLHPNPVPYAHFVTTTTHKTLRGPRGGMILCQE
QFAKQIDKAIFPGIQGGPLMHVIAAKAVAFGEALQDDFKAYAKRVVDNAKRLASALQNEGFTLVSGGTDNHLLLVDLRPQ
QLTGKTAEKVLDEVGITVNKNTIPYDPESPGVTSGIRIGTAAVTTRGFGLEEMDEIAAIIGLVLKNVGSEQALEEARQRV
AALTD
;
_entity_poly.pdbx_strand_id   A,B
#
# COMPACT_ATOMS: atom_id res chain seq x y z
N MET A 1 -3.65 24.09 -5.25
CA MET A 1 -3.84 23.17 -6.39
C MET A 1 -4.22 23.93 -7.67
N LYS A 2 -3.62 23.52 -8.78
CA LYS A 2 -3.74 24.25 -10.03
C LYS A 2 -4.48 23.47 -11.12
N TYR A 3 -4.07 22.23 -11.35
CA TYR A 3 -4.56 21.45 -12.49
C TYR A 3 -5.76 20.56 -12.17
N LEU A 4 -5.90 20.19 -10.90
CA LEU A 4 -7.02 19.36 -10.45
C LEU A 4 -8.37 20.08 -10.48
N PRO A 5 -8.44 21.36 -10.05
CA PRO A 5 -9.72 22.06 -10.16
C PRO A 5 -10.22 22.14 -11.61
N GLN A 6 -9.30 22.26 -12.56
CA GLN A 6 -9.63 22.34 -13.98
C GLN A 6 -10.11 21.01 -14.56
N GLN A 7 -9.28 19.97 -14.44
CA GLN A 7 -9.58 18.67 -15.04
C GLN A 7 -10.68 17.89 -14.30
N ASP A 8 -10.74 18.02 -12.98
CA ASP A 8 -11.71 17.27 -12.19
C ASP A 8 -12.32 18.11 -11.06
N PRO A 9 -13.39 18.87 -11.36
CA PRO A 9 -14.09 19.64 -10.34
C PRO A 9 -14.77 18.77 -9.27
N GLN A 10 -15.27 17.59 -9.68
CA GLN A 10 -15.95 16.68 -8.75
C GLN A 10 -15.00 16.20 -7.65
N VAL A 11 -13.82 15.74 -8.06
CA VAL A 11 -12.80 15.25 -7.12
C VAL A 11 -12.22 16.41 -6.31
N PHE A 12 -11.97 17.53 -6.98
CA PHE A 12 -11.43 18.73 -6.33
C PHE A 12 -12.37 19.26 -5.25
N ALA A 13 -13.66 19.39 -5.58
CA ALA A 13 -14.66 19.85 -4.63
C ALA A 13 -14.70 18.96 -3.40
N ALA A 14 -14.66 17.64 -3.62
CA ALA A 14 -14.67 16.67 -2.52
C ALA A 14 -13.44 16.78 -1.61
N ILE A 15 -12.28 17.04 -2.22
CA ILE A 15 -11.03 17.22 -1.47
C ILE A 15 -11.05 18.52 -0.67
N GLU A 16 -11.44 19.62 -1.32
CA GLU A 16 -11.56 20.91 -0.64
C GLU A 16 -12.54 20.84 0.52
N GLN A 17 -13.68 20.18 0.27
CA GLN A 17 -14.66 19.90 1.33
C GLN A 17 -13.97 19.22 2.52
N GLU A 18 -13.19 18.18 2.24
CA GLU A 18 -12.42 17.45 3.27
C GLU A 18 -11.32 18.31 3.92
N ARG A 19 -10.62 19.11 3.11
CA ARG A 19 -9.56 19.98 3.60
C ARG A 19 -10.09 21.01 4.60
N LYS A 20 -11.30 21.49 4.34
CA LYS A 20 -11.99 22.41 5.25
C LYS A 20 -12.45 21.69 6.52
N ARG A 21 -12.94 20.47 6.36
CA ARG A 21 -13.42 19.65 7.48
C ARG A 21 -12.32 19.35 8.51
N GLN A 22 -11.09 19.13 8.02
CA GLN A 22 -9.96 18.86 8.90
C GLN A 22 -9.58 20.08 9.74
N HIS A 23 -9.96 21.26 9.24
CA HIS A 23 -9.69 22.51 9.94
C HIS A 23 -10.87 22.94 10.80
N ALA A 24 -12.09 22.63 10.37
CA ALA A 24 -13.32 23.05 11.04
C ALA A 24 -13.77 22.11 12.16
N LYS A 25 -13.39 20.83 12.05
CA LYS A 25 -13.70 19.85 13.08
C LYS A 25 -12.52 19.67 14.04
N ILE A 26 -12.77 18.96 15.14
CA ILE A 26 -11.73 18.64 16.12
C ILE A 26 -11.41 17.14 16.05
N GLU A 27 -10.32 16.80 15.37
CA GLU A 27 -9.94 15.40 15.12
C GLU A 27 -9.36 14.73 16.35
N LEU A 28 -10.12 13.78 16.90
CA LEU A 28 -9.72 13.09 18.13
C LEU A 28 -9.57 11.59 17.96
N ILE A 29 -9.52 11.12 16.71
CA ILE A 29 -9.22 9.72 16.42
C ILE A 29 -7.76 9.44 16.77
N ALA A 30 -7.55 8.48 17.66
CA ALA A 30 -6.23 8.23 18.26
C ALA A 30 -5.13 7.91 17.26
N SER A 31 -5.51 7.27 16.17
CA SER A 31 -4.55 6.83 15.15
C SER A 31 -4.28 7.89 14.09
N GLU A 32 -4.94 9.04 14.20
CA GLU A 32 -4.85 10.09 13.20
C GLU A 32 -3.91 11.22 13.59
N ASN A 33 -3.34 11.87 12.56
CA ASN A 33 -2.45 13.01 12.75
C ASN A 33 -2.48 13.93 11.52
N PHE A 34 -1.95 15.14 11.65
CA PHE A 34 -1.83 16.04 10.50
C PHE A 34 -0.38 16.16 10.05
N VAL A 35 -0.11 15.77 8.81
CA VAL A 35 1.25 15.75 8.29
C VAL A 35 1.70 17.12 7.78
N SER A 36 3.01 17.33 7.77
CA SER A 36 3.59 18.55 7.24
C SER A 36 3.33 18.65 5.74
N ARG A 37 3.43 19.86 5.22
CA ARG A 37 3.24 20.12 3.80
C ARG A 37 4.40 19.59 2.96
N ALA A 38 5.55 19.42 3.61
CA ALA A 38 6.71 18.79 2.97
C ALA A 38 6.48 17.29 2.75
N VAL A 39 5.79 16.65 3.69
CA VAL A 39 5.43 15.23 3.58
C VAL A 39 4.45 14.99 2.41
N MET A 40 3.53 15.92 2.21
CA MET A 40 2.54 15.84 1.13
C MET A 40 3.16 16.08 -0.24
N GLU A 41 4.11 17.01 -0.31
CA GLU A 41 4.84 17.30 -1.56
C GLU A 41 5.68 16.10 -2.00
N ALA A 42 6.19 15.34 -1.04
CA ALA A 42 6.96 14.13 -1.32
C ALA A 42 6.12 13.04 -1.97
N GLN A 43 4.93 12.77 -1.43
CA GLN A 43 4.06 11.76 -2.06
C GLN A 43 3.33 12.28 -3.30
N GLY A 44 3.22 13.61 -3.41
CA GLY A 44 2.65 14.23 -4.60
C GLY A 44 3.67 14.40 -5.73
N SER A 45 4.79 13.69 -5.63
CA SER A 45 5.89 13.82 -6.59
C SER A 45 5.88 12.76 -7.69
N VAL A 46 6.85 12.85 -8.60
CA VAL A 46 6.96 11.96 -9.76
C VAL A 46 7.44 10.55 -9.40
N LEU A 47 7.90 10.36 -8.17
CA LEU A 47 8.41 9.04 -7.71
C LEU A 47 7.36 7.93 -7.79
N THR A 48 6.11 8.30 -8.01
CA THR A 48 5.03 7.35 -8.28
C THR A 48 5.24 6.65 -9.62
N ASN A 49 5.91 7.33 -10.54
CA ASN A 49 6.19 6.82 -11.88
C ASN A 49 7.23 5.69 -11.91
N LYS A 50 7.97 5.52 -10.82
CA LYS A 50 9.11 4.61 -10.80
C LYS A 50 8.84 3.23 -10.21
N TYR A 51 9.22 2.20 -10.96
CA TYR A 51 9.24 0.82 -10.48
C TYR A 51 10.60 0.48 -9.91
N ALA A 52 10.64 0.22 -8.60
CA ALA A 52 11.89 -0.04 -7.90
C ALA A 52 11.82 -1.31 -7.05
N GLU A 53 11.36 -2.40 -7.67
CA GLU A 53 11.36 -3.70 -7.01
C GLU A 53 12.79 -4.11 -6.65
N GLY A 54 12.95 -4.63 -5.45
CA GLY A 54 14.27 -4.95 -4.92
C GLY A 54 14.64 -3.97 -3.82
N TYR A 55 15.93 -3.69 -3.70
CA TYR A 55 16.45 -2.80 -2.68
C TYR A 55 17.63 -1.98 -3.25
N PRO A 56 17.99 -0.85 -2.60
CA PRO A 56 19.07 0.03 -3.09
C PRO A 56 20.32 -0.71 -3.58
N GLY A 57 20.62 -0.56 -4.87
CA GLY A 57 21.75 -1.22 -5.51
C GLY A 57 21.47 -2.64 -5.98
N ARG A 58 20.29 -3.15 -5.66
CA ARG A 58 19.92 -4.52 -5.98
C ARG A 58 18.51 -4.56 -6.57
N ARG A 59 18.29 -3.77 -7.62
CA ARG A 59 16.95 -3.61 -8.20
C ARG A 59 16.71 -4.55 -9.38
N TYR A 60 15.44 -4.68 -9.75
CA TYR A 60 15.04 -5.45 -10.93
C TYR A 60 14.68 -4.54 -12.11
N TYR A 61 14.99 -3.24 -11.97
CA TYR A 61 14.72 -2.24 -13.01
C TYR A 61 15.91 -1.30 -13.17
N GLY A 62 15.99 -0.65 -14.33
CA GLY A 62 16.98 0.39 -14.55
C GLY A 62 16.43 1.74 -14.10
N GLY A 63 17.30 2.73 -13.99
CA GLY A 63 16.90 4.10 -13.65
C GLY A 63 16.62 4.35 -12.18
N CYS A 64 16.97 3.38 -11.33
CA CYS A 64 16.72 3.47 -9.90
C CYS A 64 17.81 4.22 -9.14
N GLU A 65 18.74 4.81 -9.88
CA GLU A 65 19.87 5.58 -9.34
C GLU A 65 19.46 6.57 -8.24
N TYR A 66 18.30 7.21 -8.41
CA TYR A 66 17.86 8.27 -7.52
C TYR A 66 16.83 7.87 -6.45
N VAL A 67 16.00 6.87 -6.75
CA VAL A 67 15.08 6.32 -5.74
C VAL A 67 15.83 5.49 -4.68
N ASP A 68 17.02 5.02 -5.05
CA ASP A 68 17.89 4.30 -4.12
C ASP A 68 18.34 5.21 -3.00
N ILE A 69 18.61 6.47 -3.32
CA ILE A 69 19.03 7.48 -2.34
C ILE A 69 17.90 7.75 -1.36
N VAL A 70 16.72 8.06 -1.90
CA VAL A 70 15.50 8.26 -1.12
C VAL A 70 15.26 7.13 -0.12
N GLU A 71 15.40 5.88 -0.59
CA GLU A 71 15.18 4.72 0.29
C GLU A 71 16.27 4.57 1.35
N GLU A 72 17.52 4.87 1.00
CA GLU A 72 18.62 4.82 1.96
C GLU A 72 18.44 5.84 3.07
N LEU A 73 18.03 7.06 2.71
CA LEU A 73 17.69 8.09 3.70
C LEU A 73 16.65 7.56 4.68
N ALA A 74 15.62 6.92 4.16
CA ALA A 74 14.54 6.37 4.98
C ALA A 74 15.07 5.30 5.95
N ARG A 75 15.87 4.37 5.42
CA ARG A 75 16.39 3.26 6.24
C ARG A 75 17.33 3.75 7.34
N GLU A 76 18.27 4.62 6.99
CA GLU A 76 19.27 5.12 7.93
C GLU A 76 18.69 6.02 9.01
N ARG A 77 17.76 6.91 8.64
CA ARG A 77 17.09 7.77 9.62
C ARG A 77 16.24 6.96 10.60
N ALA A 78 15.67 5.86 10.11
CA ALA A 78 14.88 4.95 10.92
C ALA A 78 15.75 4.24 11.97
N LYS A 79 16.89 3.73 11.52
CA LYS A 79 17.86 3.05 12.40
C LYS A 79 18.44 4.01 13.44
N GLN A 80 18.61 5.26 13.04
CA GLN A 80 19.08 6.33 13.92
C GLN A 80 18.00 6.70 14.96
N LEU A 81 16.73 6.63 14.52
CA LEU A 81 15.59 7.05 15.33
C LEU A 81 15.25 6.06 16.44
N PHE A 82 15.45 4.78 16.17
CA PHE A 82 15.02 3.71 17.08
C PHE A 82 16.13 2.80 17.59
N GLY A 83 17.33 2.92 17.01
CA GLY A 83 18.48 2.14 17.44
C GLY A 83 18.52 0.73 16.90
N ALA A 84 17.62 0.42 15.97
CA ALA A 84 17.54 -0.90 15.35
C ALA A 84 18.72 -1.18 14.44
N GLU A 85 19.09 -2.45 14.35
CA GLU A 85 20.22 -2.87 13.50
C GLU A 85 19.85 -2.82 12.02
N HIS A 86 18.59 -3.11 11.71
CA HIS A 86 18.10 -3.15 10.33
C HIS A 86 16.69 -2.56 10.22
N ALA A 87 16.39 -1.98 9.06
CA ALA A 87 15.08 -1.40 8.78
C ALA A 87 14.56 -1.73 7.39
N ASN A 88 13.26 -2.03 7.30
CA ASN A 88 12.57 -2.16 6.02
C ASN A 88 11.42 -1.16 5.96
N VAL A 89 11.47 -0.29 4.95
CA VAL A 89 10.56 0.86 4.84
C VAL A 89 9.58 0.74 3.67
N GLN A 90 9.53 -0.43 3.05
CA GLN A 90 8.66 -0.69 1.89
C GLN A 90 7.23 -1.10 2.21
N PRO A 91 6.95 -1.64 3.42
CA PRO A 91 5.58 -2.02 3.73
C PRO A 91 4.58 -0.91 3.44
N HIS A 92 3.54 -1.24 2.67
CA HIS A 92 2.49 -0.28 2.30
C HIS A 92 1.62 0.13 3.49
N SER A 93 1.63 -0.69 4.53
CA SER A 93 0.73 -0.54 5.68
C SER A 93 1.32 -1.20 6.93
N GLY A 94 0.68 -0.96 8.07
CA GLY A 94 1.01 -1.70 9.28
C GLY A 94 0.65 -3.17 9.11
N ALA A 95 -0.55 -3.40 8.56
CA ALA A 95 -1.02 -4.74 8.21
C ALA A 95 -0.02 -5.51 7.36
N GLN A 96 0.52 -4.88 6.33
CA GLN A 96 1.51 -5.49 5.45
C GLN A 96 2.85 -5.70 6.15
N ALA A 97 3.19 -4.79 7.06
CA ALA A 97 4.39 -4.94 7.87
C ALA A 97 4.25 -6.16 8.78
N ASN A 98 3.16 -6.22 9.53
CA ASN A 98 2.87 -7.36 10.40
C ASN A 98 2.80 -8.66 9.61
N MET A 99 2.14 -8.63 8.45
CA MET A 99 2.01 -9.78 7.56
C MET A 99 3.36 -10.37 7.17
N ALA A 100 4.30 -9.49 6.84
CA ALA A 100 5.64 -9.89 6.42
C ALA A 100 6.42 -10.65 7.50
N VAL A 101 6.39 -10.14 8.73
CA VAL A 101 7.10 -10.78 9.85
C VAL A 101 6.52 -12.16 10.14
N TYR A 102 5.18 -12.23 10.16
CA TYR A 102 4.49 -13.51 10.30
C TYR A 102 4.93 -14.50 9.23
N PHE A 103 5.06 -13.99 8.00
CA PHE A 103 5.52 -14.78 6.85
C PHE A 103 6.98 -15.22 6.98
N THR A 104 7.72 -14.58 7.88
CA THR A 104 9.15 -14.84 8.03
C THR A 104 9.47 -15.95 9.03
N VAL A 105 8.74 -15.98 10.15
CA VAL A 105 9.04 -16.94 11.24
C VAL A 105 7.97 -18.01 11.42
N LEU A 106 6.80 -17.80 10.84
CA LEU A 106 5.69 -18.71 11.06
C LEU A 106 5.28 -19.46 9.80
N GLU A 107 5.14 -20.78 9.95
CA GLU A 107 4.52 -21.64 8.96
C GLU A 107 3.01 -21.46 9.11
N HIS A 108 2.24 -21.94 8.14
CA HIS A 108 0.78 -21.95 8.23
C HIS A 108 0.33 -22.71 9.48
N GLY A 109 -0.60 -22.13 10.23
CA GLY A 109 -1.17 -22.78 11.42
C GLY A 109 -0.32 -22.79 12.68
N ASP A 110 0.77 -22.02 12.69
CA ASP A 110 1.63 -21.92 13.88
C ASP A 110 0.95 -21.19 15.03
N THR A 111 1.29 -21.58 16.26
CA THR A 111 0.72 -20.95 17.45
C THR A 111 1.42 -19.62 17.72
N VAL A 112 0.61 -18.57 17.86
CA VAL A 112 1.10 -17.23 18.16
C VAL A 112 0.30 -16.66 19.33
N LEU A 113 0.99 -15.94 20.22
CA LEU A 113 0.32 -15.33 21.37
C LEU A 113 0.16 -13.83 21.12
N GLY A 114 -1.09 -13.39 21.02
CA GLY A 114 -1.40 -11.98 20.75
C GLY A 114 -2.44 -11.41 21.69
N MET A 115 -2.49 -10.08 21.78
CA MET A 115 -3.42 -9.40 22.67
C MET A 115 -4.83 -9.42 22.07
N ASN A 116 -5.78 -9.88 22.88
CA ASN A 116 -7.21 -9.91 22.51
C ASN A 116 -7.70 -8.58 21.98
N LEU A 117 -8.50 -8.64 20.91
CA LEU A 117 -9.00 -7.43 20.23
C LEU A 117 -9.69 -6.47 21.20
N SER A 118 -10.74 -6.94 21.87
CA SER A 118 -11.57 -6.10 22.75
C SER A 118 -10.79 -5.56 23.95
N HIS A 119 -9.72 -6.27 24.32
CA HIS A 119 -8.88 -5.87 25.44
C HIS A 119 -7.87 -4.78 25.07
N GLY A 120 -7.71 -4.54 23.77
CA GLY A 120 -6.78 -3.51 23.29
C GLY A 120 -6.02 -3.86 22.01
N GLY A 121 -5.89 -5.16 21.73
CA GLY A 121 -5.13 -5.64 20.59
C GLY A 121 -5.68 -5.22 19.22
N HIS A 122 -4.84 -5.32 18.20
CA HIS A 122 -5.20 -4.96 16.84
C HIS A 122 -5.77 -6.15 16.07
N LEU A 123 -6.43 -5.86 14.93
CA LEU A 123 -6.96 -6.89 14.04
C LEU A 123 -5.91 -7.91 13.59
N THR A 124 -4.72 -7.42 13.24
CA THR A 124 -3.63 -8.29 12.77
C THR A 124 -2.94 -9.08 13.89
N HIS A 125 -3.41 -8.88 15.12
CA HIS A 125 -2.88 -9.62 16.28
C HIS A 125 -3.71 -10.86 16.62
N GLY A 126 -4.49 -11.34 15.65
CA GLY A 126 -5.22 -12.60 15.82
C GLY A 126 -6.72 -12.53 15.79
N SER A 127 -7.27 -11.55 15.08
CA SER A 127 -8.71 -11.46 14.90
C SER A 127 -9.19 -12.58 13.96
N PRO A 128 -10.31 -13.24 14.32
CA PRO A 128 -10.86 -14.35 13.53
C PRO A 128 -11.36 -13.94 12.15
N VAL A 129 -11.60 -12.66 11.95
CA VAL A 129 -12.04 -12.12 10.65
C VAL A 129 -10.86 -11.57 9.83
N ASN A 130 -9.69 -11.49 10.46
CA ASN A 130 -8.46 -11.03 9.82
C ASN A 130 -7.66 -12.23 9.30
N PHE A 131 -6.66 -11.97 8.45
CA PHE A 131 -5.79 -13.03 7.93
C PHE A 131 -4.99 -13.73 9.03
N SER A 132 -4.70 -13.00 10.12
CA SER A 132 -3.88 -13.52 11.20
C SER A 132 -4.54 -14.68 11.94
N GLY A 133 -5.81 -14.52 12.32
CA GLY A 133 -6.58 -15.57 12.99
C GLY A 133 -6.89 -16.75 12.08
N VAL A 134 -7.07 -16.46 10.78
CA VAL A 134 -7.34 -17.48 9.77
C VAL A 134 -6.08 -18.30 9.44
N GLN A 135 -4.96 -17.60 9.26
CA GLN A 135 -3.72 -18.23 8.81
C GLN A 135 -2.97 -18.96 9.92
N TYR A 136 -2.90 -18.34 11.09
CA TYR A 136 -2.15 -18.88 12.22
C TYR A 136 -3.05 -19.17 13.42
N ASN A 137 -2.61 -20.10 14.26
CA ASN A 137 -3.31 -20.46 15.48
C ASN A 137 -3.03 -19.44 16.60
N PHE A 138 -3.89 -18.44 16.71
CA PHE A 138 -3.72 -17.40 17.72
C PHE A 138 -4.41 -17.71 19.04
N VAL A 139 -3.62 -17.67 20.12
CA VAL A 139 -4.16 -17.69 21.48
C VAL A 139 -4.10 -16.29 22.06
N ALA A 140 -5.14 -15.91 22.80
CA ALA A 140 -5.27 -14.53 23.25
C ALA A 140 -4.99 -14.33 24.74
N TYR A 141 -4.15 -13.35 25.03
CA TYR A 141 -3.96 -12.86 26.39
C TYR A 141 -4.64 -11.50 26.50
N GLY A 142 -4.76 -10.97 27.72
CA GLY A 142 -5.45 -9.70 27.92
C GLY A 142 -5.16 -8.94 29.19
N VAL A 143 -6.16 -8.17 29.61
CA VAL A 143 -6.04 -7.27 30.76
C VAL A 143 -6.88 -7.73 31.96
N ASP A 144 -6.63 -7.11 33.11
CA ASP A 144 -7.38 -7.35 34.35
C ASP A 144 -8.79 -6.75 34.26
N PRO A 145 -9.81 -7.45 34.81
CA PRO A 145 -11.17 -6.92 34.78
C PRO A 145 -11.39 -5.64 35.61
N GLU A 146 -10.54 -5.39 36.60
CA GLU A 146 -10.70 -4.22 37.47
CA GLU A 146 -10.69 -4.22 37.49
C GLU A 146 -9.70 -3.09 37.17
N THR A 147 -8.43 -3.44 37.04
CA THR A 147 -7.37 -2.45 36.79
C THR A 147 -7.13 -2.19 35.30
N HIS A 148 -7.63 -3.10 34.46
CA HIS A 148 -7.49 -3.03 32.99
C HIS A 148 -6.03 -2.95 32.52
N VAL A 149 -5.16 -3.70 33.19
CA VAL A 149 -3.72 -3.73 32.92
C VAL A 149 -3.31 -5.13 32.47
N ILE A 150 -2.34 -5.21 31.55
CA ILE A 150 -1.82 -6.49 31.04
C ILE A 150 -1.43 -7.42 32.18
N ASP A 151 -2.04 -8.61 32.19
CA ASP A 151 -1.74 -9.64 33.17
C ASP A 151 -0.60 -10.50 32.63
N TYR A 152 0.62 -10.19 33.06
CA TYR A 152 1.81 -10.88 32.56
C TYR A 152 1.90 -12.32 33.08
N ASP A 153 1.26 -12.57 34.22
CA ASP A 153 1.12 -13.93 34.74
C ASP A 153 0.20 -14.75 33.84
N ASP A 154 -0.88 -14.13 33.36
CA ASP A 154 -1.76 -14.74 32.35
C ASP A 154 -0.95 -15.07 31.09
N VAL A 155 -0.17 -14.09 30.61
CA VAL A 155 0.69 -14.26 29.43
C VAL A 155 1.64 -15.46 29.57
N ARG A 156 2.33 -15.53 30.71
CA ARG A 156 3.25 -16.64 30.99
C ARG A 156 2.53 -17.98 31.00
N GLU A 157 1.35 -18.02 31.65
CA GLU A 157 0.54 -19.24 31.71
C GLU A 157 0.18 -19.74 30.32
N LYS A 158 -0.28 -18.82 29.46
CA LYS A 158 -0.61 -19.13 28.06
C LYS A 158 0.62 -19.61 27.30
N ALA A 159 1.75 -18.94 27.50
CA ALA A 159 3.01 -19.27 26.83
C ALA A 159 3.53 -20.66 27.23
N ARG A 160 3.40 -20.99 28.51
CA ARG A 160 3.83 -22.29 29.02
C ARG A 160 2.90 -23.39 28.58
N LEU A 161 1.61 -23.05 28.42
CA LEU A 161 0.61 -24.03 28.07
C LEU A 161 0.58 -24.30 26.56
N HIS A 162 0.54 -23.24 25.76
CA HIS A 162 0.33 -23.37 24.32
C HIS A 162 1.62 -23.42 23.50
N ARG A 163 2.74 -23.09 24.13
CA ARG A 163 4.08 -23.15 23.54
C ARG A 163 4.16 -22.49 22.15
N PRO A 164 3.95 -21.15 22.09
CA PRO A 164 3.88 -20.45 20.81
C PRO A 164 5.25 -20.21 20.18
N LYS A 165 5.27 -20.06 18.86
CA LYS A 165 6.50 -19.83 18.11
C LYS A 165 6.91 -18.36 18.17
N LEU A 166 5.90 -17.49 18.26
CA LEU A 166 6.10 -16.04 18.33
C LEU A 166 5.12 -15.44 19.33
N ILE A 167 5.57 -14.46 20.10
CA ILE A 167 4.68 -13.67 20.95
C ILE A 167 4.59 -12.25 20.40
N VAL A 168 3.37 -11.76 20.21
CA VAL A 168 3.14 -10.40 19.78
C VAL A 168 2.66 -9.54 20.96
N ALA A 169 3.44 -8.52 21.28
CA ALA A 169 3.05 -7.52 22.26
C ALA A 169 2.73 -6.21 21.56
N ALA A 170 1.80 -5.45 22.14
CA ALA A 170 1.36 -4.14 21.64
C ALA A 170 -0.12 -4.11 21.24
N ALA A 171 -0.66 -2.90 21.10
CA ALA A 171 -2.10 -2.71 21.06
C ALA A 171 -2.54 -1.47 20.29
N SER A 172 -3.81 -1.46 19.92
CA SER A 172 -4.44 -0.34 19.24
C SER A 172 -5.19 0.58 20.20
N ALA A 173 -5.54 0.06 21.37
CA ALA A 173 -6.31 0.80 22.36
C ALA A 173 -5.96 0.44 23.81
N TYR A 174 -4.66 0.45 24.10
CA TYR A 174 -4.16 0.20 25.46
C TYR A 174 -3.49 1.49 25.95
N PRO A 175 -4.17 2.22 26.85
CA PRO A 175 -3.73 3.54 27.31
C PRO A 175 -2.51 3.51 28.23
N ARG A 176 -2.00 2.32 28.52
CA ARG A 176 -0.89 2.18 29.47
C ARG A 176 0.42 1.73 28.84
N ILE A 177 1.51 1.91 29.58
CA ILE A 177 2.83 1.47 29.15
C ILE A 177 2.90 -0.06 29.14
N ILE A 178 3.41 -0.59 28.04
CA ILE A 178 3.65 -2.03 27.89
C ILE A 178 5.10 -2.34 28.28
N ASP A 179 5.27 -3.33 29.15
CA ASP A 179 6.58 -3.77 29.61
C ASP A 179 7.12 -4.83 28.67
N PHE A 180 8.02 -4.42 27.77
CA PHE A 180 8.56 -5.31 26.73
C PHE A 180 9.57 -6.30 27.28
N ALA A 181 10.22 -5.94 28.40
CA ALA A 181 11.19 -6.82 29.06
C ALA A 181 10.53 -8.06 29.65
N LYS A 182 9.37 -7.88 30.28
CA LYS A 182 8.58 -9.00 30.79
C LYS A 182 8.14 -9.92 29.65
N PHE A 183 7.70 -9.33 28.55
CA PHE A 183 7.34 -10.08 27.35
C PHE A 183 8.52 -10.89 26.80
N ARG A 184 9.69 -10.28 26.79
CA ARG A 184 10.91 -10.96 26.37
C ARG A 184 11.29 -12.09 27.34
N GLU A 185 11.20 -11.82 28.65
CA GLU A 185 11.44 -12.82 29.69
C GLU A 185 10.59 -14.07 29.45
N ILE A 186 9.30 -13.84 29.21
CA ILE A 186 8.36 -14.92 28.95
C ILE A 186 8.67 -15.65 27.64
N ALA A 187 9.10 -14.89 26.63
CA ALA A 187 9.42 -15.46 25.32
C ALA A 187 10.66 -16.36 25.35
N ASP A 188 11.67 -15.97 26.14
CA ASP A 188 12.89 -16.74 26.28
C ASP A 188 12.65 -18.04 27.08
N GLU A 189 11.76 -17.95 28.06
CA GLU A 189 11.35 -19.10 28.87
C GLU A 189 10.81 -20.22 28.00
N VAL A 190 9.98 -19.86 27.02
CA VAL A 190 9.30 -20.84 26.15
C VAL A 190 9.97 -20.97 24.77
N GLY A 191 11.12 -20.33 24.59
CA GLY A 191 11.90 -20.41 23.35
C GLY A 191 11.18 -19.84 22.13
N ALA A 192 10.65 -18.63 22.28
CA ALA A 192 9.86 -17.99 21.23
C ALA A 192 10.48 -16.68 20.75
N TYR A 193 10.20 -16.33 19.49
CA TYR A 193 10.54 -15.00 18.99
C TYR A 193 9.60 -13.97 19.62
N LEU A 194 10.05 -12.72 19.71
CA LEU A 194 9.18 -11.64 20.18
C LEU A 194 9.00 -10.56 19.12
N MET A 195 7.74 -10.32 18.76
CA MET A 195 7.37 -9.21 17.89
C MET A 195 6.65 -8.13 18.69
N VAL A 196 7.05 -6.88 18.49
CA VAL A 196 6.35 -5.74 19.10
C VAL A 196 5.80 -4.80 18.02
N ASP A 197 4.52 -4.46 18.15
CA ASP A 197 3.82 -3.60 17.20
C ASP A 197 3.67 -2.20 17.79
N MET A 198 4.66 -1.35 17.56
CA MET A 198 4.67 -0.02 18.18
C MET A 198 3.91 1.06 17.40
N ALA A 199 3.17 0.64 16.37
CA ALA A 199 2.42 1.53 15.49
C ALA A 199 1.83 2.79 16.16
N HIS A 200 1.12 2.61 17.26
CA HIS A 200 0.47 3.71 17.97
C HIS A 200 1.43 4.58 18.77
N ILE A 201 2.47 3.97 19.32
CA ILE A 201 3.39 4.65 20.22
C ILE A 201 4.75 4.94 19.58
N ALA A 202 4.84 4.75 18.26
CA ALA A 202 6.10 4.90 17.53
C ALA A 202 6.79 6.26 17.69
N GLY A 203 5.99 7.33 17.68
CA GLY A 203 6.50 8.67 17.89
C GLY A 203 6.87 8.94 19.35
N LEU A 204 6.23 8.22 20.27
CA LEU A 204 6.51 8.34 21.69
C LEU A 204 7.79 7.58 22.07
N VAL A 205 8.05 6.49 21.35
CA VAL A 205 9.26 5.69 21.54
C VAL A 205 10.48 6.46 21.06
N ALA A 206 10.35 7.09 19.88
CA ALA A 206 11.39 7.93 19.30
C ALA A 206 11.74 9.14 20.15
N ALA A 207 10.80 9.56 20.99
CA ALA A 207 10.96 10.75 21.83
C ALA A 207 11.29 10.43 23.29
N GLY A 208 11.49 9.14 23.59
CA GLY A 208 11.85 8.70 24.94
C GLY A 208 10.71 8.74 25.96
N LEU A 209 9.47 8.86 25.46
CA LEU A 209 8.30 8.97 26.34
C LEU A 209 7.55 7.64 26.46
N HIS A 210 8.06 6.63 25.77
CA HIS A 210 7.65 5.25 25.99
C HIS A 210 8.90 4.39 25.83
N PRO A 211 9.14 3.44 26.77
CA PRO A 211 10.29 2.54 26.66
C PRO A 211 10.40 1.89 25.27
N ASN A 212 11.64 1.71 24.81
CA ASN A 212 11.91 1.17 23.48
C ASN A 212 11.82 -0.35 23.46
N PRO A 213 10.98 -0.91 22.56
CA PRO A 213 10.93 -2.36 22.39
C PRO A 213 12.10 -2.95 21.60
N VAL A 214 12.80 -2.12 20.83
CA VAL A 214 13.88 -2.59 19.95
C VAL A 214 14.95 -3.46 20.66
N PRO A 215 15.49 -3.02 21.81
CA PRO A 215 16.46 -3.87 22.50
C PRO A 215 15.88 -5.19 23.06
N TYR A 216 14.56 -5.28 23.15
CA TYR A 216 13.90 -6.44 23.74
C TYR A 216 13.21 -7.35 22.71
N ALA A 217 13.15 -6.92 21.46
CA ALA A 217 12.42 -7.64 20.43
C ALA A 217 13.28 -8.10 19.26
N HIS A 218 12.95 -9.27 18.71
CA HIS A 218 13.59 -9.75 17.49
C HIS A 218 13.09 -8.96 16.30
N PHE A 219 11.79 -8.67 16.31
CA PHE A 219 11.13 -7.89 15.26
C PHE A 219 10.30 -6.78 15.88
N VAL A 220 10.38 -5.60 15.28
CA VAL A 220 9.53 -4.47 15.66
C VAL A 220 8.84 -3.94 14.41
N THR A 221 7.51 -3.97 14.43
CA THR A 221 6.70 -3.46 13.32
C THR A 221 6.02 -2.17 13.72
N THR A 222 5.77 -1.30 12.75
CA THR A 222 5.09 -0.03 13.00
C THR A 222 4.40 0.52 11.74
N THR A 223 3.40 1.36 11.96
CA THR A 223 2.91 2.25 10.92
C THR A 223 3.77 3.50 10.96
N THR A 224 3.64 4.37 9.97
CA THR A 224 4.40 5.60 9.95
C THR A 224 3.51 6.82 10.15
N HIS A 225 2.19 6.61 10.19
CA HIS A 225 1.21 7.69 10.13
C HIS A 225 0.51 8.09 11.44
N LYS A 226 0.73 7.34 12.51
CA LYS A 226 0.10 7.68 13.79
C LYS A 226 0.90 8.76 14.54
N THR A 227 1.46 8.43 15.70
CA THR A 227 2.22 9.41 16.50
C THR A 227 3.58 9.75 15.90
N LEU A 228 4.02 8.95 14.93
CA LEU A 228 5.23 9.26 14.17
C LEU A 228 4.99 10.41 13.19
N ARG A 229 3.70 10.64 12.89
CA ARG A 229 3.23 11.81 12.13
C ARG A 229 3.79 11.84 10.71
N GLY A 230 3.75 10.70 10.04
CA GLY A 230 4.24 10.60 8.67
C GLY A 230 3.16 10.11 7.71
N PRO A 231 3.58 9.70 6.50
CA PRO A 231 2.63 9.27 5.48
C PRO A 231 2.00 7.93 5.82
N ARG A 232 0.84 7.64 5.25
CA ARG A 232 0.20 6.35 5.45
C ARG A 232 1.08 5.25 4.84
N GLY A 233 1.58 4.38 5.72
CA GLY A 233 2.50 3.31 5.33
C GLY A 233 3.02 2.53 6.53
N GLY A 234 3.82 1.51 6.26
CA GLY A 234 4.39 0.68 7.32
C GLY A 234 5.90 0.65 7.37
N MET A 235 6.43 -0.06 8.36
CA MET A 235 7.88 -0.23 8.56
C MET A 235 8.17 -1.41 9.48
N ILE A 236 9.27 -2.12 9.19
CA ILE A 236 9.74 -3.21 10.05
C ILE A 236 11.17 -2.95 10.52
N LEU A 237 11.41 -3.19 11.81
CA LEU A 237 12.74 -3.07 12.40
C LEU A 237 13.14 -4.41 13.00
N CYS A 238 14.35 -4.87 12.68
CA CYS A 238 14.82 -6.17 13.17
C CYS A 238 16.32 -6.22 13.40
N GLN A 239 16.76 -7.24 14.12
CA GLN A 239 18.18 -7.52 14.34
C GLN A 239 18.84 -8.06 13.07
N GLU A 240 20.14 -7.79 12.92
CA GLU A 240 20.89 -8.13 11.70
C GLU A 240 20.70 -9.56 11.22
N GLN A 241 20.53 -10.50 12.16
CA GLN A 241 20.37 -11.92 11.82
C GLN A 241 19.06 -12.26 11.10
N PHE A 242 18.12 -11.32 11.11
CA PHE A 242 16.83 -11.49 10.42
C PHE A 242 16.65 -10.51 9.27
N ALA A 243 17.68 -9.71 8.99
CA ALA A 243 17.62 -8.66 7.96
C ALA A 243 17.21 -9.20 6.59
N LYS A 244 18.02 -10.11 6.04
CA LYS A 244 17.78 -10.65 4.70
C LYS A 244 16.43 -11.33 4.61
N GLN A 245 16.10 -12.14 5.62
CA GLN A 245 14.83 -12.87 5.68
C GLN A 245 13.62 -11.93 5.67
N ILE A 246 13.69 -10.86 6.44
CA ILE A 246 12.63 -9.84 6.50
C ILE A 246 12.49 -9.16 5.14
N ASP A 247 13.62 -8.81 4.53
CA ASP A 247 13.64 -8.14 3.22
C ASP A 247 13.01 -9.00 2.12
N LYS A 248 13.26 -10.30 2.16
CA LYS A 248 12.70 -11.23 1.19
C LYS A 248 11.21 -11.46 1.42
N ALA A 249 10.78 -11.35 2.68
CA ALA A 249 9.37 -11.46 3.05
C ALA A 249 8.56 -10.33 2.44
N ILE A 250 9.10 -9.11 2.50
CA ILE A 250 8.49 -7.96 1.83
C ILE A 250 8.48 -8.18 0.31
N PHE A 251 9.65 -8.49 -0.25
CA PHE A 251 9.77 -8.76 -1.68
C PHE A 251 10.90 -9.76 -1.96
N PRO A 252 10.62 -10.82 -2.75
CA PRO A 252 9.39 -11.08 -3.52
C PRO A 252 8.26 -11.75 -2.74
N GLY A 253 8.33 -11.76 -1.41
CA GLY A 253 7.34 -12.45 -0.58
C GLY A 253 5.90 -11.96 -0.69
N ILE A 254 5.58 -10.85 -0.04
CA ILE A 254 4.19 -10.42 0.12
C ILE A 254 3.82 -9.14 -0.66
N GLN A 255 4.82 -8.44 -1.18
CA GLN A 255 4.58 -7.21 -1.93
C GLN A 255 5.24 -7.22 -3.31
N GLY A 256 4.88 -6.24 -4.13
CA GLY A 256 5.47 -6.07 -5.45
C GLY A 256 6.26 -4.78 -5.46
N GLY A 257 5.92 -3.88 -6.36
CA GLY A 257 6.56 -2.56 -6.43
C GLY A 257 6.32 -1.75 -5.16
N PRO A 258 7.39 -1.16 -4.60
CA PRO A 258 7.23 -0.27 -3.46
C PRO A 258 6.74 1.11 -3.88
N LEU A 259 6.05 1.80 -2.98
CA LEU A 259 5.61 3.18 -3.21
C LEU A 259 6.77 4.13 -2.89
N MET A 260 7.53 4.50 -3.91
CA MET A 260 8.75 5.29 -3.73
C MET A 260 8.46 6.71 -3.26
N HIS A 261 7.35 7.27 -3.71
CA HIS A 261 6.93 8.60 -3.25
C HIS A 261 6.54 8.59 -1.77
N VAL A 262 5.83 7.55 -1.36
CA VAL A 262 5.47 7.38 0.05
C VAL A 262 6.71 7.08 0.90
N ILE A 263 7.65 6.34 0.31
CA ILE A 263 8.97 6.10 0.93
C ILE A 263 9.79 7.38 1.07
N ALA A 264 9.73 8.25 0.06
CA ALA A 264 10.34 9.57 0.12
C ALA A 264 9.72 10.38 1.26
N ALA A 265 8.40 10.27 1.39
CA ALA A 265 7.64 10.95 2.43
C ALA A 265 7.98 10.39 3.81
N LYS A 266 8.26 9.09 3.88
CA LYS A 266 8.71 8.46 5.12
C LYS A 266 10.04 9.04 5.59
N ALA A 267 10.96 9.25 4.64
CA ALA A 267 12.28 9.82 4.92
C ALA A 267 12.19 11.23 5.51
N VAL A 268 11.25 12.02 5.00
CA VAL A 268 10.98 13.36 5.53
C VAL A 268 10.37 13.26 6.94
N ALA A 269 9.37 12.39 7.09
CA ALA A 269 8.74 12.14 8.38
C ALA A 269 9.74 11.75 9.45
N PHE A 270 10.73 10.93 9.08
CA PHE A 270 11.76 10.49 10.02
C PHE A 270 12.75 11.60 10.30
N GLY A 271 13.04 12.40 9.27
CA GLY A 271 13.89 13.58 9.41
C GLY A 271 13.29 14.55 10.41
N GLU A 272 11.98 14.75 10.30
CA GLU A 272 11.22 15.60 11.19
C GLU A 272 11.17 15.06 12.62
N ALA A 273 11.14 13.74 12.75
CA ALA A 273 11.09 13.09 14.05
C ALA A 273 12.44 13.16 14.79
N LEU A 274 13.53 13.27 14.03
CA LEU A 274 14.87 13.36 14.59
C LEU A 274 15.17 14.72 15.23
N GLN A 275 14.42 15.74 14.81
CA GLN A 275 14.56 17.11 15.31
C GLN A 275 14.09 17.25 16.75
N ASP A 276 14.64 18.23 17.46
CA ASP A 276 14.29 18.51 18.86
C ASP A 276 12.82 18.88 19.02
N ASP A 277 12.29 19.66 18.08
CA ASP A 277 10.91 20.17 18.19
C ASP A 277 9.85 19.06 18.13
N PHE A 278 10.25 17.86 17.71
CA PHE A 278 9.37 16.70 17.74
C PHE A 278 9.25 16.10 19.14
N LYS A 279 10.34 16.19 19.92
CA LYS A 279 10.33 15.72 21.31
C LYS A 279 9.44 16.63 22.13
N ALA A 280 9.54 17.93 21.85
CA ALA A 280 8.69 18.94 22.47
C ALA A 280 7.24 18.69 22.10
N TYR A 281 7.00 18.41 20.83
CA TYR A 281 5.67 18.05 20.33
C TYR A 281 5.10 16.81 21.04
N ALA A 282 5.94 15.77 21.12
CA ALA A 282 5.52 14.50 21.72
C ALA A 282 5.19 14.64 23.20
N LYS A 283 5.91 15.50 23.90
CA LYS A 283 5.64 15.78 25.30
C LYS A 283 4.26 16.40 25.47
N ARG A 284 3.91 17.30 24.56
CA ARG A 284 2.62 17.99 24.60
C ARG A 284 1.45 17.03 24.35
N VAL A 285 1.66 16.03 23.50
CA VAL A 285 0.65 15.00 23.23
C VAL A 285 0.35 14.22 24.52
N VAL A 286 1.41 13.75 25.17
CA VAL A 286 1.30 13.01 26.42
C VAL A 286 0.66 13.86 27.52
N ASP A 287 1.08 15.11 27.64
CA ASP A 287 0.53 16.03 28.63
C ASP A 287 -0.94 16.34 28.33
N ASN A 288 -1.24 16.58 27.05
CA ASN A 288 -2.62 16.83 26.61
C ASN A 288 -3.54 15.63 26.80
N ALA A 289 -2.95 14.43 26.77
CA ALA A 289 -3.71 13.20 27.02
C ALA A 289 -4.03 13.05 28.51
N LYS A 290 -3.02 13.29 29.35
CA LYS A 290 -3.21 13.21 30.81
C LYS A 290 -4.26 14.20 31.30
N ARG A 291 -4.25 15.41 30.73
CA ARG A 291 -5.18 16.47 31.10
C ARG A 291 -6.60 16.17 30.62
N LEU A 292 -6.73 15.84 29.33
CA LEU A 292 -8.02 15.52 28.72
C LEU A 292 -8.71 14.37 29.43
N ALA A 293 -7.92 13.36 29.79
CA ALA A 293 -8.41 12.21 30.54
C ALA A 293 -8.99 12.66 31.88
N SER A 294 -8.24 13.48 32.59
CA SER A 294 -8.65 13.99 33.90
C SER A 294 -9.82 14.97 33.78
N ALA A 295 -9.86 15.73 32.70
CA ALA A 295 -10.96 16.65 32.41
C ALA A 295 -12.24 15.90 32.06
N LEU A 296 -12.10 14.76 31.38
CA LEU A 296 -13.25 13.90 31.08
C LEU A 296 -13.76 13.21 32.34
N GLN A 297 -12.85 12.87 33.25
CA GLN A 297 -13.21 12.31 34.55
C GLN A 297 -13.97 13.31 35.41
N ASN A 298 -13.62 14.60 35.28
CA ASN A 298 -14.30 15.66 36.01
C ASN A 298 -15.75 15.86 35.55
N GLU A 299 -15.99 15.61 34.27
CA GLU A 299 -17.33 15.65 33.70
C GLU A 299 -18.14 14.43 34.14
N GLY A 300 -17.43 13.44 34.70
CA GLY A 300 -18.08 12.24 35.22
C GLY A 300 -18.09 11.08 34.22
N PHE A 301 -17.08 11.04 33.35
CA PHE A 301 -16.88 9.89 32.48
C PHE A 301 -15.95 8.87 33.15
N THR A 302 -16.09 7.61 32.76
CA THR A 302 -15.25 6.54 33.29
C THR A 302 -14.29 6.09 32.20
N LEU A 303 -13.02 5.92 32.57
CA LEU A 303 -11.97 5.55 31.62
C LEU A 303 -11.31 4.23 32.00
N VAL A 304 -11.03 3.41 30.99
CA VAL A 304 -10.36 2.12 31.24
C VAL A 304 -8.92 2.35 31.70
N SER A 305 -8.51 1.58 32.70
CA SER A 305 -7.21 1.73 33.39
C SER A 305 -7.10 2.97 34.29
N GLY A 306 -8.17 3.75 34.37
CA GLY A 306 -8.22 4.93 35.24
C GLY A 306 -7.59 6.19 34.65
N GLY A 307 -7.14 6.09 33.40
CA GLY A 307 -6.51 7.22 32.70
C GLY A 307 -5.60 6.75 31.58
N THR A 308 -4.46 7.41 31.43
CA THR A 308 -3.49 7.05 30.39
C THR A 308 -2.03 7.34 30.76
N ASP A 309 -1.13 6.55 30.16
CA ASP A 309 0.31 6.72 30.28
C ASP A 309 0.92 7.18 28.94
N ASN A 310 0.09 7.21 27.90
CA ASN A 310 0.54 7.55 26.55
C ASN A 310 -0.38 8.55 25.85
N HIS A 311 -0.58 8.35 24.54
CA HIS A 311 -1.28 9.29 23.67
C HIS A 311 -2.81 9.18 23.66
N LEU A 312 -3.33 8.00 23.99
CA LEU A 312 -4.75 7.75 23.86
C LEU A 312 -5.45 7.34 25.15
N LEU A 313 -6.73 7.68 25.26
CA LEU A 313 -7.56 7.21 26.36
C LEU A 313 -8.81 6.53 25.82
N LEU A 314 -9.41 5.67 26.65
CA LEU A 314 -10.57 4.90 26.24
C LEU A 314 -11.73 5.12 27.21
N VAL A 315 -12.76 5.80 26.73
CA VAL A 315 -13.94 6.10 27.53
C VAL A 315 -14.87 4.89 27.60
N ASP A 316 -15.21 4.47 28.81
CA ASP A 316 -16.29 3.51 29.01
C ASP A 316 -17.59 4.31 29.13
N LEU A 317 -18.51 4.07 28.20
CA LEU A 317 -19.74 4.85 28.12
C LEU A 317 -20.97 4.17 28.74
N ARG A 318 -20.77 3.06 29.45
CA ARG A 318 -21.87 2.32 30.08
C ARG A 318 -22.72 3.13 31.07
N PRO A 319 -22.08 3.90 31.98
CA PRO A 319 -22.89 4.74 32.87
C PRO A 319 -23.68 5.84 32.15
N GLN A 320 -23.18 6.29 31.00
CA GLN A 320 -23.86 7.32 30.19
C GLN A 320 -25.04 6.75 29.39
N GLN A 321 -25.22 5.42 29.49
CA GLN A 321 -26.31 4.69 28.81
C GLN A 321 -26.32 4.90 27.29
N LEU A 322 -25.13 4.88 26.69
CA LEU A 322 -24.97 5.09 25.25
C LEU A 322 -23.99 4.10 24.65
N THR A 323 -24.15 3.82 23.36
CA THR A 323 -23.17 3.03 22.61
C THR A 323 -22.19 3.96 21.90
N GLY A 324 -21.04 3.40 21.51
CA GLY A 324 -20.02 4.14 20.77
C GLY A 324 -20.50 4.65 19.42
N LYS A 325 -21.43 3.91 18.80
CA LYS A 325 -22.02 4.27 17.51
C LYS A 325 -22.82 5.57 17.59
N THR A 326 -23.58 5.73 18.67
CA THR A 326 -24.34 6.95 18.93
C THR A 326 -23.41 8.11 19.25
N ALA A 327 -22.53 7.89 20.24
CA ALA A 327 -21.56 8.89 20.68
C ALA A 327 -20.75 9.45 19.52
N GLU A 328 -20.27 8.57 18.65
CA GLU A 328 -19.51 8.97 17.45
C GLU A 328 -20.32 9.88 16.53
N LYS A 329 -21.54 9.44 16.20
CA LYS A 329 -22.41 10.16 15.27
C LYS A 329 -22.82 11.54 15.80
N VAL A 330 -23.26 11.58 17.06
CA VAL A 330 -23.73 12.82 17.68
C VAL A 330 -22.61 13.83 17.88
N LEU A 331 -21.43 13.36 18.27
CA LEU A 331 -20.26 14.23 18.41
C LEU A 331 -19.77 14.73 17.05
N ASP A 332 -19.89 13.88 16.03
CA ASP A 332 -19.51 14.22 14.66
C ASP A 332 -20.39 15.34 14.10
N GLU A 333 -21.67 15.32 14.50
CA GLU A 333 -22.64 16.35 14.11
C GLU A 333 -22.23 17.75 14.58
N VAL A 334 -21.74 17.85 15.82
CA VAL A 334 -21.38 19.14 16.43
C VAL A 334 -19.96 19.61 16.11
N GLY A 335 -19.10 18.69 15.67
CA GLY A 335 -17.72 19.03 15.29
C GLY A 335 -16.62 18.13 15.82
N ILE A 336 -16.95 17.25 16.75
CA ILE A 336 -15.95 16.37 17.36
C ILE A 336 -15.90 15.01 16.66
N THR A 337 -14.78 14.74 16.01
CA THR A 337 -14.60 13.49 15.28
C THR A 337 -13.78 12.48 16.08
N VAL A 338 -14.44 11.38 16.47
CA VAL A 338 -13.81 10.28 17.19
C VAL A 338 -14.03 8.96 16.45
N ASN A 339 -13.77 7.84 17.12
CA ASN A 339 -14.16 6.53 16.62
C ASN A 339 -14.75 5.65 17.71
N LYS A 340 -15.89 5.03 17.40
CA LYS A 340 -16.48 4.01 18.25
C LYS A 340 -15.42 2.93 18.53
N ASN A 341 -15.29 2.54 19.79
CA ASN A 341 -14.22 1.63 20.17
C ASN A 341 -14.62 0.62 21.24
N THR A 342 -14.19 -0.62 21.04
CA THR A 342 -14.47 -1.71 21.96
C THR A 342 -13.62 -1.64 23.24
N ILE A 343 -14.28 -1.81 24.38
CA ILE A 343 -13.63 -1.79 25.70
C ILE A 343 -13.40 -3.22 26.20
N PRO A 344 -12.47 -3.42 27.17
CA PRO A 344 -12.26 -4.76 27.71
C PRO A 344 -13.55 -5.40 28.21
N TYR A 345 -13.85 -6.61 27.73
CA TYR A 345 -15.07 -7.35 28.06
C TYR A 345 -16.35 -6.62 27.57
N ASP A 346 -16.21 -5.91 26.46
CA ASP A 346 -17.30 -5.13 25.86
C ASP A 346 -18.52 -6.02 25.56
N PRO A 347 -19.69 -5.65 26.11
CA PRO A 347 -20.95 -6.37 25.86
C PRO A 347 -21.43 -6.28 24.40
N GLU A 348 -20.86 -5.37 23.62
CA GLU A 348 -21.27 -5.12 22.23
C GLU A 348 -20.16 -5.49 21.24
N SER A 349 -20.55 -5.89 20.03
CA SER A 349 -19.60 -6.26 18.99
C SER A 349 -18.88 -5.02 18.42
N PRO A 350 -17.66 -5.18 17.87
CA PRO A 350 -16.81 -4.07 17.40
C PRO A 350 -17.40 -3.13 16.34
N GLY A 351 -18.68 -3.29 16.02
CA GLY A 351 -19.39 -2.36 15.14
C GLY A 351 -20.36 -1.47 15.92
N VAL A 352 -20.75 -1.93 17.11
CA VAL A 352 -21.64 -1.17 17.99
C VAL A 352 -20.84 -0.49 19.10
N THR A 353 -20.15 -1.32 19.89
CA THR A 353 -19.18 -0.90 20.93
C THR A 353 -19.75 -0.13 22.12
N SER A 354 -19.09 -0.27 23.27
CA SER A 354 -19.54 0.37 24.52
C SER A 354 -18.65 1.53 24.96
N GLY A 355 -17.91 2.11 24.02
CA GLY A 355 -17.03 3.24 24.33
C GLY A 355 -16.55 4.00 23.11
N ILE A 356 -15.78 5.06 23.37
CA ILE A 356 -15.10 5.80 22.31
C ILE A 356 -13.62 6.00 22.64
N ARG A 357 -12.78 5.95 21.60
CA ARG A 357 -11.34 6.12 21.77
C ARG A 357 -10.93 7.52 21.33
N ILE A 358 -10.21 8.22 22.21
CA ILE A 358 -9.81 9.59 21.95
C ILE A 358 -8.28 9.70 21.93
N GLY A 359 -7.76 10.45 20.96
CA GLY A 359 -6.34 10.70 20.84
C GLY A 359 -6.01 12.19 20.73
N THR A 360 -4.89 12.56 21.34
CA THR A 360 -4.45 13.96 21.36
C THR A 360 -3.39 14.30 20.32
N ALA A 361 -2.94 13.29 19.57
CA ALA A 361 -1.86 13.47 18.58
C ALA A 361 -2.21 14.46 17.47
N ALA A 362 -3.42 14.38 16.95
CA ALA A 362 -3.86 15.25 15.85
C ALA A 362 -4.05 16.70 16.30
N VAL A 363 -4.74 16.90 17.42
CA VAL A 363 -5.03 18.25 17.93
C VAL A 363 -3.78 19.00 18.43
N THR A 364 -2.81 18.27 18.97
CA THR A 364 -1.55 18.87 19.42
C THR A 364 -0.78 19.47 18.23
N THR A 365 -0.83 18.78 17.10
CA THR A 365 -0.14 19.20 15.88
C THR A 365 -0.64 20.56 15.40
N ARG A 366 -1.93 20.83 15.59
CA ARG A 366 -2.52 22.10 15.17
C ARG A 366 -2.58 23.17 16.28
N GLY A 367 -1.77 22.98 17.33
CA GLY A 367 -1.53 24.03 18.32
C GLY A 367 -2.42 24.07 19.55
N PHE A 368 -3.16 22.99 19.80
CA PHE A 368 -4.02 22.91 20.98
C PHE A 368 -3.20 22.52 22.21
N GLY A 369 -3.48 23.18 23.34
CA GLY A 369 -2.76 22.93 24.59
C GLY A 369 -3.66 22.47 25.72
N LEU A 370 -3.18 22.62 26.96
CA LEU A 370 -3.90 22.18 28.15
C LEU A 370 -5.26 22.86 28.32
N GLU A 371 -5.27 24.18 28.15
CA GLU A 371 -6.49 24.98 28.24
C GLU A 371 -7.53 24.56 27.20
N GLU A 372 -7.06 24.14 26.02
CA GLU A 372 -7.94 23.68 24.95
C GLU A 372 -8.55 22.30 25.22
N MET A 373 -7.77 21.43 25.87
CA MET A 373 -8.25 20.09 26.25
C MET A 373 -9.43 20.16 27.21
N ASP A 374 -9.39 21.14 28.12
CA ASP A 374 -10.46 21.36 29.09
C ASP A 374 -11.80 21.66 28.41
N GLU A 375 -11.75 22.47 27.35
CA GLU A 375 -12.94 22.85 26.61
C GLU A 375 -13.48 21.68 25.78
N ILE A 376 -12.57 20.87 25.22
CA ILE A 376 -12.94 19.67 24.47
C ILE A 376 -13.77 18.72 25.34
N ALA A 377 -13.27 18.45 26.56
CA ALA A 377 -13.94 17.56 27.50
C ALA A 377 -15.30 18.08 27.94
N ALA A 378 -15.42 19.40 28.09
CA ALA A 378 -16.68 20.04 28.47
C ALA A 378 -17.73 19.93 27.37
N ILE A 379 -17.29 20.05 26.11
CA ILE A 379 -18.18 19.90 24.96
C ILE A 379 -18.67 18.45 24.85
N ILE A 380 -17.73 17.50 24.97
CA ILE A 380 -18.06 16.07 24.98
C ILE A 380 -19.08 15.77 26.09
N GLY A 381 -18.88 16.40 27.25
CA GLY A 381 -19.81 16.28 28.37
C GLY A 381 -21.20 16.82 28.05
N LEU A 382 -21.24 18.08 27.60
CA LEU A 382 -22.49 18.74 27.21
C LEU A 382 -23.29 17.92 26.19
N VAL A 383 -22.59 17.29 25.26
CA VAL A 383 -23.21 16.51 24.18
C VAL A 383 -23.71 15.15 24.66
N LEU A 384 -22.87 14.43 25.40
CA LEU A 384 -23.15 13.04 25.78
C LEU A 384 -24.03 12.88 27.02
N LYS A 385 -24.13 13.92 27.83
CA LYS A 385 -25.03 13.91 29.00
C LYS A 385 -26.37 14.58 28.69
N ASN A 386 -26.45 15.16 27.49
CA ASN A 386 -27.69 15.73 26.98
C ASN A 386 -27.87 15.31 25.52
N VAL A 387 -28.20 14.04 25.34
CA VAL A 387 -28.23 13.42 24.01
C VAL A 387 -29.25 14.03 23.03
N GLY A 388 -30.52 14.05 23.41
CA GLY A 388 -31.60 14.50 22.51
C GLY A 388 -31.88 15.99 22.51
N SER A 389 -31.19 16.74 23.35
CA SER A 389 -31.39 18.19 23.46
C SER A 389 -30.79 18.91 22.26
N GLU A 390 -31.65 19.51 21.45
CA GLU A 390 -31.23 20.30 20.30
C GLU A 390 -30.53 21.60 20.72
N GLN A 391 -30.85 22.06 21.93
CA GLN A 391 -30.22 23.26 22.51
C GLN A 391 -28.75 23.00 22.85
N ALA A 392 -28.49 21.86 23.50
CA ALA A 392 -27.12 21.46 23.85
C ALA A 392 -26.29 21.12 22.61
N LEU A 393 -26.94 20.52 21.62
CA LEU A 393 -26.33 20.16 20.35
C LEU A 393 -25.87 21.40 19.59
N GLU A 394 -26.68 22.45 19.62
CA GLU A 394 -26.40 23.69 18.89
C GLU A 394 -25.35 24.55 19.60
N GLU A 395 -25.38 24.55 20.93
CA GLU A 395 -24.40 25.26 21.76
C GLU A 395 -23.00 24.67 21.56
N ALA A 396 -22.93 23.35 21.49
CA ALA A 396 -21.70 22.62 21.22
C ALA A 396 -21.07 23.01 19.88
N ARG A 397 -21.91 23.15 18.86
CA ARG A 397 -21.48 23.53 17.51
C ARG A 397 -20.85 24.94 17.50
N GLN A 398 -21.46 25.86 18.23
CA GLN A 398 -20.94 27.22 18.38
C GLN A 398 -19.61 27.22 19.13
N ARG A 399 -19.49 26.36 20.13
CA ARG A 399 -18.28 26.26 20.95
C ARG A 399 -17.12 25.59 20.23
N VAL A 400 -17.41 24.56 19.43
CA VAL A 400 -16.40 23.88 18.62
C VAL A 400 -15.89 24.83 17.53
N ALA A 401 -16.80 25.60 16.94
CA ALA A 401 -16.45 26.58 15.92
C ALA A 401 -15.58 27.68 16.51
N ALA A 402 -15.81 28.00 17.78
CA ALA A 402 -15.02 29.00 18.51
C ALA A 402 -13.58 28.53 18.72
N LEU A 403 -13.41 27.23 18.91
CA LEU A 403 -12.08 26.62 19.04
C LEU A 403 -11.31 26.59 17.73
N THR A 404 -11.94 26.09 16.68
CA THR A 404 -11.29 25.94 15.37
C THR A 404 -11.16 27.26 14.62
N ASP A 405 -12.03 28.21 14.95
CA ASP A 405 -12.02 29.59 14.45
C ASP A 405 -11.02 29.89 13.32
N MET B 1 7.29 22.76 -6.05
CA MET B 1 7.26 22.47 -4.59
C MET B 1 7.68 23.69 -3.76
N LYS B 2 7.06 23.85 -2.60
CA LYS B 2 7.21 25.06 -1.81
C LYS B 2 7.83 24.85 -0.44
N TYR B 3 7.59 23.68 0.17
CA TYR B 3 7.97 23.45 1.56
C TYR B 3 9.05 22.39 1.77
N LEU B 4 9.13 21.44 0.85
CA LEU B 4 10.13 20.37 0.92
C LEU B 4 11.58 20.81 0.71
N PRO B 5 11.84 21.74 -0.26
CA PRO B 5 13.23 22.16 -0.49
C PRO B 5 13.87 22.80 0.74
N GLN B 6 13.06 23.52 1.52
CA GLN B 6 13.53 24.19 2.73
C GLN B 6 13.61 23.23 3.91
N GLN B 7 12.63 22.34 4.03
CA GLN B 7 12.58 21.35 5.12
C GLN B 7 13.63 20.24 4.99
N ASP B 8 13.76 19.66 3.80
CA ASP B 8 14.59 18.48 3.58
C ASP B 8 15.39 18.57 2.27
N PRO B 9 16.58 19.17 2.32
CA PRO B 9 17.41 19.36 1.12
C PRO B 9 17.87 18.05 0.48
N GLN B 10 18.20 17.06 1.31
CA GLN B 10 18.71 15.77 0.81
C GLN B 10 17.64 15.00 0.04
N VAL B 11 16.42 15.01 0.57
CA VAL B 11 15.29 14.34 -0.07
C VAL B 11 14.84 15.10 -1.31
N PHE B 12 14.88 16.43 -1.24
CA PHE B 12 14.48 17.27 -2.36
C PHE B 12 15.43 17.17 -3.55
N ALA B 13 16.73 17.12 -3.28
CA ALA B 13 17.75 16.97 -4.33
C ALA B 13 17.55 15.67 -5.12
N ALA B 14 17.32 14.58 -4.39
CA ALA B 14 17.09 13.26 -4.98
C ALA B 14 15.83 13.23 -5.86
N ILE B 15 14.77 13.89 -5.40
CA ILE B 15 13.52 13.98 -6.17
C ILE B 15 13.73 14.77 -7.46
N GLU B 16 14.46 15.88 -7.37
CA GLU B 16 14.72 16.73 -8.53
C GLU B 16 15.60 16.05 -9.57
N GLN B 17 16.61 15.33 -9.10
CA GLN B 17 17.45 14.51 -9.97
C GLN B 17 16.60 13.46 -10.68
N GLU B 18 15.72 12.80 -9.93
CA GLU B 18 14.80 11.81 -10.48
C GLU B 18 13.83 12.44 -11.48
N ARG B 19 13.33 13.62 -11.13
CA ARG B 19 12.44 14.39 -12.00
C ARG B 19 13.14 14.72 -13.32
N LYS B 20 14.39 15.16 -13.23
CA LYS B 20 15.20 15.47 -14.41
C LYS B 20 15.48 14.23 -15.25
N ARG B 21 15.81 13.12 -14.59
CA ARG B 21 16.08 11.86 -15.26
C ARG B 21 14.86 11.35 -16.04
N GLN B 22 13.68 11.50 -15.47
CA GLN B 22 12.44 11.11 -16.14
C GLN B 22 12.26 11.84 -17.49
N HIS B 23 12.67 13.10 -17.54
CA HIS B 23 12.67 13.88 -18.78
C HIS B 23 13.89 13.58 -19.66
N ALA B 24 15.08 13.59 -19.06
CA ALA B 24 16.34 13.41 -19.79
C ALA B 24 16.47 12.04 -20.47
N LYS B 25 16.08 10.99 -19.75
CA LYS B 25 16.20 9.63 -20.27
C LYS B 25 14.97 9.18 -21.05
N ILE B 26 15.14 8.16 -21.87
CA ILE B 26 14.02 7.56 -22.59
C ILE B 26 13.54 6.36 -21.78
N GLU B 27 12.41 6.54 -21.10
CA GLU B 27 11.89 5.55 -20.18
C GLU B 27 11.06 4.51 -20.92
N LEU B 28 11.66 3.32 -21.10
CA LEU B 28 11.02 2.25 -21.86
C LEU B 28 10.63 1.07 -20.98
N ILE B 29 10.51 1.31 -19.67
CA ILE B 29 10.03 0.28 -18.76
C ILE B 29 8.53 0.06 -19.02
N ALA B 30 8.20 -1.12 -19.53
CA ALA B 30 6.85 -1.46 -19.99
C ALA B 30 5.74 -1.16 -18.97
N SER B 31 6.06 -1.33 -17.70
CA SER B 31 5.10 -1.19 -16.61
C SER B 31 5.07 0.23 -16.03
N GLU B 32 5.82 1.14 -16.64
CA GLU B 32 5.88 2.52 -16.18
C GLU B 32 5.13 3.46 -17.10
N ASN B 33 4.68 4.59 -16.53
CA ASN B 33 3.98 5.64 -17.26
C ASN B 33 4.23 6.97 -16.55
N PHE B 34 3.68 8.05 -17.10
CA PHE B 34 3.77 9.35 -16.44
C PHE B 34 2.37 9.89 -16.17
N VAL B 35 2.06 10.06 -14.90
CA VAL B 35 0.76 10.57 -14.47
C VAL B 35 0.64 12.07 -14.72
N SER B 36 -0.60 12.54 -14.87
CA SER B 36 -0.89 13.96 -15.00
C SER B 36 -0.60 14.69 -13.70
N ARG B 37 -0.40 16.00 -13.80
CA ARG B 37 -0.15 16.84 -12.63
C ARG B 37 -1.38 16.88 -11.69
N ALA B 38 -2.55 16.59 -12.26
CA ALA B 38 -3.79 16.45 -11.48
C ALA B 38 -3.79 15.22 -10.58
N VAL B 39 -3.33 14.09 -11.12
CA VAL B 39 -3.19 12.86 -10.34
C VAL B 39 -2.21 13.06 -9.18
N MET B 40 -1.08 13.71 -9.46
CA MET B 40 -0.07 14.02 -8.45
C MET B 40 -0.61 14.93 -7.34
N GLU B 41 -1.41 15.91 -7.73
CA GLU B 41 -2.01 16.84 -6.75
C GLU B 41 -2.97 16.14 -5.80
N ALA B 42 -3.64 15.10 -6.30
CA ALA B 42 -4.59 14.33 -5.49
C ALA B 42 -3.89 13.45 -4.45
N GLN B 43 -2.80 12.78 -4.83
CA GLN B 43 -2.03 11.95 -3.91
C GLN B 43 -1.37 12.78 -2.81
N GLY B 44 -1.01 14.01 -3.15
CA GLY B 44 -0.38 14.93 -2.21
C GLY B 44 -1.37 15.69 -1.34
N SER B 45 -2.66 15.40 -1.50
CA SER B 45 -3.71 16.07 -0.73
C SER B 45 -3.72 15.65 0.74
N VAL B 46 -4.57 16.32 1.53
CA VAL B 46 -4.68 16.05 2.96
C VAL B 46 -5.44 14.78 3.29
N LEU B 47 -5.93 14.09 2.26
CA LEU B 47 -6.69 12.85 2.42
C LEU B 47 -5.86 11.72 3.03
N THR B 48 -4.55 11.97 3.15
CA THR B 48 -3.62 11.01 3.75
C THR B 48 -3.78 10.94 5.27
N ASN B 49 -4.44 11.94 5.83
CA ASN B 49 -4.66 12.04 7.28
C ASN B 49 -5.87 11.25 7.78
N LYS B 50 -6.69 10.79 6.85
CA LYS B 50 -7.96 10.14 7.20
C LYS B 50 -7.87 8.61 7.28
N TYR B 51 -8.14 8.07 8.47
CA TYR B 51 -8.46 6.66 8.61
C TYR B 51 -9.90 6.44 8.16
N ALA B 52 -10.08 5.58 7.17
CA ALA B 52 -11.40 5.29 6.63
C ALA B 52 -11.67 3.80 6.47
N GLU B 53 -11.19 3.01 7.43
CA GLU B 53 -11.46 1.57 7.45
C GLU B 53 -12.94 1.30 7.21
N GLY B 54 -13.22 0.27 6.42
CA GLY B 54 -14.57 -0.01 5.99
C GLY B 54 -14.87 0.58 4.62
N TYR B 55 -16.12 0.95 4.41
CA TYR B 55 -16.62 1.35 3.09
C TYR B 55 -17.60 2.53 3.15
N PRO B 56 -17.74 3.31 2.06
CA PRO B 56 -18.62 4.48 2.09
C PRO B 56 -19.97 4.15 2.73
N GLY B 57 -20.25 4.78 3.88
CA GLY B 57 -21.44 4.49 4.67
C GLY B 57 -21.22 3.48 5.78
N ARG B 58 -20.23 2.60 5.61
CA ARG B 58 -19.86 1.56 6.57
C ARG B 58 -18.43 1.81 7.06
N ARG B 59 -18.22 2.91 7.77
CA ARG B 59 -16.88 3.25 8.28
C ARG B 59 -16.78 3.01 9.78
N TYR B 60 -15.59 2.58 10.22
CA TYR B 60 -15.33 2.37 11.65
C TYR B 60 -14.78 3.63 12.33
N TYR B 61 -14.88 4.75 11.62
CA TYR B 61 -14.45 6.06 12.11
C TYR B 61 -15.48 7.11 11.75
N GLY B 62 -15.40 8.28 12.39
CA GLY B 62 -16.24 9.42 12.03
C GLY B 62 -15.54 10.34 11.05
N GLY B 63 -16.26 11.36 10.58
CA GLY B 63 -15.70 12.40 9.72
C GLY B 63 -15.39 11.97 8.30
N CYS B 64 -16.03 10.91 7.83
CA CYS B 64 -15.72 10.33 6.52
C CYS B 64 -16.58 10.83 5.35
N GLU B 65 -17.50 11.76 5.63
CA GLU B 65 -18.48 12.24 4.64
C GLU B 65 -17.88 12.52 3.26
N TYR B 66 -16.65 13.04 3.25
CA TYR B 66 -16.05 13.54 2.02
C TYR B 66 -15.16 12.52 1.32
N VAL B 67 -14.36 11.79 2.10
CA VAL B 67 -13.55 10.69 1.54
C VAL B 67 -14.44 9.60 0.93
N ASP B 68 -15.65 9.44 1.47
CA ASP B 68 -16.67 8.56 0.90
C ASP B 68 -16.98 8.96 -0.54
N ILE B 69 -17.18 10.26 -0.76
CA ILE B 69 -17.46 10.81 -2.08
C ILE B 69 -16.32 10.47 -3.04
N VAL B 70 -15.09 10.66 -2.57
CA VAL B 70 -13.88 10.31 -3.32
C VAL B 70 -13.85 8.83 -3.74
N GLU B 71 -14.19 7.94 -2.81
CA GLU B 71 -14.22 6.51 -3.09
C GLU B 71 -15.35 6.12 -4.03
N GLU B 72 -16.55 6.68 -3.79
CA GLU B 72 -17.69 6.44 -4.67
C GLU B 72 -17.40 6.85 -6.10
N LEU B 73 -16.81 8.03 -6.26
CA LEU B 73 -16.41 8.51 -7.59
C LEU B 73 -15.44 7.54 -8.26
N ALA B 74 -14.47 7.06 -7.51
CA ALA B 74 -13.49 6.11 -8.01
C ALA B 74 -14.14 4.80 -8.47
N ARG B 75 -15.10 4.33 -7.69
CA ARG B 75 -15.78 3.07 -7.98
C ARG B 75 -16.71 3.18 -9.18
N GLU B 76 -17.59 4.20 -9.16
CA GLU B 76 -18.57 4.37 -10.23
C GLU B 76 -17.90 4.61 -11.59
N ARG B 77 -16.78 5.34 -11.58
CA ARG B 77 -16.01 5.59 -12.80
C ARG B 77 -15.34 4.33 -13.32
N ALA B 78 -14.77 3.53 -12.41
CA ALA B 78 -14.16 2.24 -12.75
C ALA B 78 -15.18 1.29 -13.38
N LYS B 79 -16.40 1.29 -12.85
CA LYS B 79 -17.49 0.50 -13.42
C LYS B 79 -17.87 0.99 -14.81
N GLN B 80 -17.86 2.31 -14.99
CA GLN B 80 -18.15 2.93 -16.28
C GLN B 80 -17.02 2.68 -17.29
N LEU B 81 -15.80 2.62 -16.76
CA LEU B 81 -14.60 2.48 -17.58
C LEU B 81 -14.43 1.06 -18.12
N PHE B 82 -14.88 0.07 -17.36
CA PHE B 82 -14.67 -1.34 -17.71
C PHE B 82 -15.96 -2.15 -17.83
N GLY B 83 -17.08 -1.60 -17.37
CA GLY B 83 -18.36 -2.29 -17.42
C GLY B 83 -18.47 -3.40 -16.40
N ALA B 84 -17.82 -3.19 -15.25
CA ALA B 84 -17.85 -4.16 -14.15
C ALA B 84 -19.06 -3.90 -13.26
N GLU B 85 -19.57 -4.96 -12.65
CA GLU B 85 -20.74 -4.86 -11.77
C GLU B 85 -20.37 -4.40 -10.36
N HIS B 86 -19.13 -4.66 -9.97
CA HIS B 86 -18.58 -4.18 -8.70
C HIS B 86 -17.08 -3.91 -8.79
N ALA B 87 -16.64 -2.93 -8.01
CA ALA B 87 -15.24 -2.50 -7.99
C ALA B 87 -14.76 -2.26 -6.57
N ASN B 88 -13.52 -2.63 -6.30
CA ASN B 88 -12.87 -2.32 -5.03
C ASN B 88 -11.60 -1.55 -5.31
N VAL B 89 -11.54 -0.32 -4.79
CA VAL B 89 -10.44 0.61 -5.09
C VAL B 89 -9.48 0.79 -3.91
N GLN B 90 -9.59 -0.07 -2.90
CA GLN B 90 -8.75 0.01 -1.71
C GLN B 90 -7.42 -0.75 -1.75
N PRO B 91 -7.24 -1.72 -2.70
CA PRO B 91 -5.96 -2.44 -2.70
C PRO B 91 -4.76 -1.51 -2.84
N HIS B 92 -3.83 -1.60 -1.89
CA HIS B 92 -2.62 -0.78 -1.87
C HIS B 92 -1.77 -1.00 -3.12
N SER B 93 -1.96 -2.16 -3.74
CA SER B 93 -1.04 -2.68 -4.73
C SER B 93 -1.73 -3.67 -5.65
N GLY B 94 -1.06 -4.03 -6.74
CA GLY B 94 -1.51 -5.14 -7.58
C GLY B 94 -1.24 -6.44 -6.86
N ALA B 95 -0.15 -6.46 -6.10
CA ALA B 95 0.17 -7.56 -5.20
C ALA B 95 -0.98 -7.84 -4.24
N GLN B 96 -1.48 -6.78 -3.58
CA GLN B 96 -2.54 -6.90 -2.59
C GLN B 96 -3.93 -7.10 -3.20
N ALA B 97 -4.13 -6.58 -4.41
CA ALA B 97 -5.35 -6.86 -5.18
C ALA B 97 -5.50 -8.36 -5.42
N ASN B 98 -4.42 -9.00 -5.88
CA ASN B 98 -4.40 -10.43 -6.12
C ASN B 98 -4.55 -11.24 -4.84
N MET B 99 -3.81 -10.85 -3.80
CA MET B 99 -3.81 -11.53 -2.51
C MET B 99 -5.20 -11.68 -1.90
N ALA B 100 -5.99 -10.60 -1.95
CA ALA B 100 -7.36 -10.58 -1.43
C ALA B 100 -8.27 -11.54 -2.18
N VAL B 101 -8.15 -11.57 -3.51
CA VAL B 101 -8.93 -12.51 -4.32
C VAL B 101 -8.58 -13.95 -3.96
N TYR B 102 -7.29 -14.25 -3.85
CA TYR B 102 -6.84 -15.57 -3.40
C TYR B 102 -7.39 -15.89 -2.01
N PHE B 103 -7.44 -14.88 -1.15
CA PHE B 103 -7.98 -15.01 0.20
C PHE B 103 -9.51 -15.20 0.21
N THR B 104 -10.18 -14.78 -0.86
CA THR B 104 -11.62 -14.93 -0.99
C THR B 104 -12.00 -16.34 -1.41
N VAL B 105 -11.53 -16.77 -2.58
CA VAL B 105 -11.96 -18.03 -3.20
C VAL B 105 -11.15 -19.26 -2.81
N LEU B 106 -9.99 -19.05 -2.20
CA LEU B 106 -9.09 -20.17 -1.88
C LEU B 106 -8.83 -20.36 -0.39
N GLU B 107 -8.62 -21.62 -0.01
CA GLU B 107 -8.10 -21.97 1.30
C GLU B 107 -6.63 -22.37 1.13
N HIS B 108 -5.87 -22.36 2.23
CA HIS B 108 -4.45 -22.72 2.21
C HIS B 108 -4.20 -24.05 1.49
N GLY B 109 -3.15 -24.09 0.68
CA GLY B 109 -2.74 -25.31 -0.01
C GLY B 109 -3.49 -25.62 -1.30
N ASP B 110 -4.59 -24.90 -1.55
CA ASP B 110 -5.46 -25.13 -2.70
C ASP B 110 -4.73 -25.04 -4.05
N THR B 111 -5.21 -25.81 -5.02
CA THR B 111 -4.63 -25.83 -6.36
C THR B 111 -5.10 -24.63 -7.17
N VAL B 112 -4.13 -23.88 -7.70
CA VAL B 112 -4.40 -22.73 -8.55
C VAL B 112 -3.56 -22.85 -9.82
N LEU B 113 -4.16 -22.55 -10.96
CA LEU B 113 -3.49 -22.63 -12.25
C LEU B 113 -3.11 -21.23 -12.73
N GLY B 114 -1.81 -20.99 -12.89
CA GLY B 114 -1.31 -19.67 -13.29
C GLY B 114 -0.12 -19.74 -14.23
N MET B 115 0.15 -18.63 -14.91
CA MET B 115 1.22 -18.57 -15.92
C MET B 115 2.59 -18.53 -15.29
N ASN B 116 3.50 -19.33 -15.84
CA ASN B 116 4.89 -19.39 -15.41
C ASN B 116 5.61 -18.05 -15.54
N LEU B 117 6.50 -17.78 -14.60
CA LEU B 117 7.20 -16.52 -14.49
C LEU B 117 7.97 -16.18 -15.76
N SER B 118 8.86 -17.08 -16.18
CA SER B 118 9.72 -16.84 -17.33
C SER B 118 8.96 -16.83 -18.66
N HIS B 119 7.84 -17.56 -18.72
CA HIS B 119 6.99 -17.59 -19.90
C HIS B 119 6.13 -16.33 -20.06
N GLY B 120 6.07 -15.52 -19.00
CA GLY B 120 5.36 -14.24 -19.03
C GLY B 120 4.56 -13.90 -17.79
N GLY B 121 4.26 -14.90 -16.96
CA GLY B 121 3.46 -14.72 -15.76
C GLY B 121 4.11 -13.85 -14.71
N HIS B 122 3.32 -13.37 -13.76
CA HIS B 122 3.79 -12.50 -12.70
C HIS B 122 4.17 -13.28 -11.42
N LEU B 123 4.99 -12.67 -10.57
CA LEU B 123 5.37 -13.23 -9.28
C LEU B 123 4.21 -13.77 -8.46
N THR B 124 3.12 -13.00 -8.43
CA THR B 124 1.92 -13.35 -7.66
C THR B 124 1.06 -14.40 -8.37
N HIS B 125 1.55 -14.86 -9.52
CA HIS B 125 0.86 -15.91 -10.27
C HIS B 125 1.52 -17.27 -10.08
N GLY B 126 2.26 -17.43 -8.97
CA GLY B 126 2.74 -18.73 -8.53
C GLY B 126 4.22 -18.97 -8.32
N SER B 127 5.00 -17.91 -8.12
CA SER B 127 6.43 -18.05 -7.86
C SER B 127 6.65 -18.76 -6.51
N PRO B 128 7.65 -19.65 -6.43
CA PRO B 128 7.89 -20.37 -5.18
C PRO B 128 8.62 -19.51 -4.13
N VAL B 129 9.07 -18.33 -4.54
CA VAL B 129 9.67 -17.36 -3.61
C VAL B 129 8.69 -16.23 -3.30
N ASN B 130 7.42 -16.48 -3.63
CA ASN B 130 6.33 -15.53 -3.40
C ASN B 130 5.25 -16.24 -2.60
N PHE B 131 4.49 -15.47 -1.81
CA PHE B 131 3.42 -16.02 -0.96
C PHE B 131 2.48 -16.93 -1.75
N SER B 132 2.22 -16.58 -3.00
CA SER B 132 1.28 -17.31 -3.84
C SER B 132 1.68 -18.76 -4.01
N GLY B 133 2.95 -19.01 -4.29
CA GLY B 133 3.48 -20.36 -4.42
C GLY B 133 3.74 -21.06 -3.10
N VAL B 134 3.78 -20.27 -2.02
CA VAL B 134 4.02 -20.79 -0.67
C VAL B 134 2.68 -21.12 0.02
N GLN B 135 1.68 -20.28 -0.21
CA GLN B 135 0.36 -20.48 0.38
C GLN B 135 -0.49 -21.47 -0.40
N TYR B 136 -0.32 -21.47 -1.71
CA TYR B 136 -1.18 -22.25 -2.59
C TYR B 136 -0.35 -23.14 -3.50
N ASN B 137 -0.95 -24.24 -3.94
CA ASN B 137 -0.29 -25.15 -4.87
C ASN B 137 -0.52 -24.69 -6.30
N PHE B 138 0.52 -24.09 -6.88
CA PHE B 138 0.44 -23.53 -8.23
C PHE B 138 1.01 -24.47 -9.29
N VAL B 139 0.17 -24.85 -10.23
CA VAL B 139 0.63 -25.53 -11.44
C VAL B 139 0.76 -24.53 -12.59
N ALA B 140 1.89 -24.59 -13.29
CA ALA B 140 2.24 -23.59 -14.30
C ALA B 140 1.87 -23.99 -15.73
N TYR B 141 1.32 -23.03 -16.46
CA TYR B 141 1.20 -23.10 -17.90
C TYR B 141 2.11 -22.07 -18.53
N GLY B 142 2.45 -22.26 -19.80
CA GLY B 142 3.36 -21.35 -20.48
C GLY B 142 3.04 -21.08 -21.94
N VAL B 143 4.09 -20.85 -22.72
CA VAL B 143 3.97 -20.55 -24.13
C VAL B 143 4.71 -21.59 -24.99
N ASP B 144 4.39 -21.62 -26.28
CA ASP B 144 5.05 -22.47 -27.25
C ASP B 144 6.52 -22.03 -27.40
N PRO B 145 7.47 -23.00 -27.40
CA PRO B 145 8.90 -22.71 -27.51
C PRO B 145 9.30 -22.04 -28.83
N GLU B 146 8.49 -22.21 -29.87
CA GLU B 146 8.82 -21.68 -31.19
C GLU B 146 8.13 -20.34 -31.50
N THR B 147 6.85 -20.25 -31.15
CA THR B 147 6.06 -19.05 -31.46
C THR B 147 5.87 -18.12 -30.26
N HIS B 148 6.17 -18.63 -29.06
CA HIS B 148 6.08 -17.87 -27.80
C HIS B 148 4.66 -17.38 -27.48
N VAL B 149 3.67 -18.14 -27.94
CA VAL B 149 2.26 -17.82 -27.74
C VAL B 149 1.69 -18.85 -26.76
N ILE B 150 0.74 -18.42 -25.93
CA ILE B 150 0.12 -19.30 -24.94
C ILE B 150 -0.38 -20.58 -25.58
N ASP B 151 0.10 -21.70 -25.07
CA ASP B 151 -0.37 -23.03 -25.46
C ASP B 151 -1.66 -23.28 -24.70
N TYR B 152 -2.79 -22.96 -25.33
CA TYR B 152 -4.10 -23.11 -24.70
C TYR B 152 -4.46 -24.57 -24.50
N ASP B 153 -3.97 -25.41 -25.40
CA ASP B 153 -4.14 -26.86 -25.30
C ASP B 153 -3.48 -27.40 -24.03
N ASP B 154 -2.32 -26.84 -23.70
CA ASP B 154 -1.62 -27.18 -22.45
C ASP B 154 -2.40 -26.69 -21.23
N VAL B 155 -2.90 -25.45 -21.29
CA VAL B 155 -3.75 -24.88 -20.24
C VAL B 155 -4.94 -25.80 -19.96
N ARG B 156 -5.61 -26.24 -21.03
CA ARG B 156 -6.74 -27.16 -20.95
C ARG B 156 -6.33 -28.50 -20.34
N GLU B 157 -5.17 -29.01 -20.75
CA GLU B 157 -4.63 -30.26 -20.22
C GLU B 157 -4.35 -30.15 -18.73
N LYS B 158 -3.59 -29.12 -18.35
CA LYS B 158 -3.22 -28.86 -16.96
C LYS B 158 -4.45 -28.67 -16.06
N ALA B 159 -5.52 -28.10 -16.60
CA ALA B 159 -6.76 -27.87 -15.88
C ALA B 159 -7.53 -29.16 -15.63
N ARG B 160 -7.60 -30.03 -16.64
CA ARG B 160 -8.29 -31.32 -16.50
C ARG B 160 -7.53 -32.24 -15.53
N LEU B 161 -6.21 -32.19 -15.62
CA LEU B 161 -5.33 -33.06 -14.84
C LEU B 161 -5.32 -32.71 -13.35
N HIS B 162 -5.21 -31.42 -13.03
CA HIS B 162 -5.04 -30.95 -11.66
C HIS B 162 -6.31 -30.43 -11.00
N ARG B 163 -7.38 -30.27 -11.79
CA ARG B 163 -8.68 -29.79 -11.30
C ARG B 163 -8.54 -28.62 -10.30
N PRO B 164 -8.07 -27.46 -10.77
CA PRO B 164 -7.84 -26.33 -9.85
C PRO B 164 -9.15 -25.71 -9.40
N LYS B 165 -9.10 -24.99 -8.27
CA LYS B 165 -10.25 -24.25 -7.77
C LYS B 165 -10.33 -22.87 -8.42
N LEU B 166 -9.20 -22.41 -8.94
CA LEU B 166 -9.12 -21.10 -9.60
C LEU B 166 -8.10 -21.13 -10.73
N ILE B 167 -8.43 -20.44 -11.83
CA ILE B 167 -7.49 -20.23 -12.93
C ILE B 167 -7.15 -18.73 -13.03
N VAL B 168 -5.85 -18.44 -13.03
CA VAL B 168 -5.36 -17.08 -13.20
C VAL B 168 -4.83 -16.90 -14.62
N ALA B 169 -5.35 -15.89 -15.32
CA ALA B 169 -4.91 -15.55 -16.66
C ALA B 169 -4.36 -14.14 -16.69
N ALA B 170 -3.39 -13.93 -17.58
CA ALA B 170 -2.74 -12.63 -17.85
C ALA B 170 -1.33 -12.54 -17.26
N ALA B 171 -0.55 -11.57 -17.74
CA ALA B 171 0.90 -11.64 -17.59
C ALA B 171 1.60 -10.32 -17.31
N SER B 172 2.91 -10.40 -17.10
CA SER B 172 3.78 -9.25 -16.90
C SER B 172 4.64 -8.98 -18.12
N ALA B 173 4.87 -10.01 -18.93
CA ALA B 173 5.73 -9.91 -20.12
C ALA B 173 5.21 -10.76 -21.28
N TYR B 174 3.91 -10.65 -21.55
CA TYR B 174 3.30 -11.31 -22.69
C TYR B 174 2.90 -10.26 -23.73
N PRO B 175 3.68 -10.17 -24.82
CA PRO B 175 3.50 -9.15 -25.86
C PRO B 175 2.35 -9.38 -26.83
N ARG B 176 1.44 -10.30 -26.52
CA ARG B 176 0.33 -10.63 -27.41
C ARG B 176 -1.03 -10.57 -26.71
N ILE B 177 -2.10 -10.56 -27.50
CA ILE B 177 -3.46 -10.56 -26.99
C ILE B 177 -3.79 -11.89 -26.31
N ILE B 178 -4.31 -11.81 -25.09
CA ILE B 178 -4.73 -12.99 -24.34
C ILE B 178 -6.20 -13.26 -24.60
N ASP B 179 -6.49 -14.43 -25.15
CA ASP B 179 -7.84 -14.83 -25.45
C ASP B 179 -8.55 -15.19 -24.14
N PHE B 180 -9.43 -14.30 -23.68
CA PHE B 180 -10.15 -14.54 -22.44
C PHE B 180 -11.34 -15.47 -22.62
N ALA B 181 -11.90 -15.49 -23.83
CA ALA B 181 -13.00 -16.39 -24.17
C ALA B 181 -12.60 -17.83 -23.91
N LYS B 182 -11.43 -18.21 -24.42
CA LYS B 182 -10.89 -19.57 -24.26
C LYS B 182 -10.63 -19.91 -22.80
N PHE B 183 -10.12 -18.95 -22.03
CA PHE B 183 -9.82 -19.17 -20.61
C PHE B 183 -11.08 -19.49 -19.81
N ARG B 184 -12.14 -18.69 -20.00
CA ARG B 184 -13.44 -18.96 -19.36
C ARG B 184 -14.03 -20.29 -19.81
N GLU B 185 -13.93 -20.57 -21.11
CA GLU B 185 -14.34 -21.85 -21.69
C GLU B 185 -13.67 -23.02 -20.96
N ILE B 186 -12.36 -22.89 -20.73
CA ILE B 186 -11.58 -23.87 -19.98
C ILE B 186 -12.01 -23.90 -18.50
N ALA B 187 -12.20 -22.73 -17.92
CA ALA B 187 -12.59 -22.60 -16.51
C ALA B 187 -13.97 -23.20 -16.22
N ASP B 188 -14.87 -23.11 -17.20
CA ASP B 188 -16.19 -23.71 -17.07
C ASP B 188 -16.16 -25.23 -17.25
N GLU B 189 -15.17 -25.72 -18.01
CA GLU B 189 -15.02 -27.16 -18.28
C GLU B 189 -14.65 -27.95 -17.03
N VAL B 190 -13.81 -27.36 -16.17
CA VAL B 190 -13.36 -27.99 -14.94
C VAL B 190 -14.06 -27.43 -13.69
N GLY B 191 -14.96 -26.48 -13.90
CA GLY B 191 -15.73 -25.87 -12.82
C GLY B 191 -14.96 -24.87 -11.98
N ALA B 192 -13.80 -24.45 -12.46
CA ALA B 192 -12.94 -23.49 -11.74
C ALA B 192 -13.39 -22.05 -11.93
N TYR B 193 -13.03 -21.20 -10.97
CA TYR B 193 -13.21 -19.75 -11.08
C TYR B 193 -12.17 -19.20 -12.05
N LEU B 194 -12.47 -18.04 -12.63
CA LEU B 194 -11.52 -17.35 -13.48
C LEU B 194 -11.18 -15.97 -12.96
N MET B 195 -9.90 -15.74 -12.72
CA MET B 195 -9.38 -14.43 -12.37
C MET B 195 -8.45 -13.98 -13.49
N VAL B 196 -8.68 -12.76 -13.99
CA VAL B 196 -7.81 -12.16 -14.98
C VAL B 196 -7.04 -10.99 -14.36
N ASP B 197 -5.73 -10.96 -14.62
CA ASP B 197 -4.88 -9.90 -14.13
C ASP B 197 -4.52 -8.95 -15.28
N MET B 198 -5.39 -7.97 -15.53
CA MET B 198 -5.20 -7.06 -16.67
C MET B 198 -4.29 -5.87 -16.34
N ALA B 199 -3.59 -5.95 -15.21
CA ALA B 199 -2.75 -4.85 -14.71
C ALA B 199 -2.02 -4.08 -15.82
N HIS B 200 -1.22 -4.80 -16.60
CA HIS B 200 -0.47 -4.22 -17.72
C HIS B 200 -1.34 -3.60 -18.82
N ILE B 201 -2.47 -4.25 -19.12
CA ILE B 201 -3.25 -3.91 -20.31
C ILE B 201 -4.55 -3.16 -20.01
N ALA B 202 -4.73 -2.75 -18.75
CA ALA B 202 -5.95 -2.08 -18.32
C ALA B 202 -6.31 -0.87 -19.18
N GLY B 203 -5.33 0.00 -19.44
CA GLY B 203 -5.52 1.20 -20.26
C GLY B 203 -5.97 0.91 -21.68
N LEU B 204 -5.40 -0.15 -22.26
CA LEU B 204 -5.76 -0.59 -23.61
C LEU B 204 -7.17 -1.19 -23.66
N VAL B 205 -7.55 -1.90 -22.61
CA VAL B 205 -8.90 -2.46 -22.45
C VAL B 205 -9.94 -1.34 -22.33
N ALA B 206 -9.62 -0.32 -21.54
CA ALA B 206 -10.49 0.84 -21.36
C ALA B 206 -10.78 1.58 -22.67
N ALA B 207 -9.88 1.41 -23.64
CA ALA B 207 -9.94 2.13 -24.91
C ALA B 207 -10.46 1.30 -26.09
N GLY B 208 -10.90 0.08 -25.79
CA GLY B 208 -11.39 -0.83 -26.82
C GLY B 208 -10.31 -1.31 -27.77
N LEU B 209 -9.07 -1.37 -27.27
CA LEU B 209 -7.93 -1.85 -28.07
C LEU B 209 -7.39 -3.19 -27.59
N HIS B 210 -8.05 -3.75 -26.59
CA HIS B 210 -7.80 -5.12 -26.13
C HIS B 210 -9.12 -5.70 -25.63
N PRO B 211 -9.42 -6.96 -25.98
CA PRO B 211 -10.64 -7.59 -25.47
C PRO B 211 -10.80 -7.42 -23.97
N ASN B 212 -11.97 -6.97 -23.56
CA ASN B 212 -12.30 -6.72 -22.15
C ASN B 212 -12.54 -8.05 -21.43
N PRO B 213 -11.77 -8.32 -20.36
CA PRO B 213 -11.93 -9.55 -19.58
C PRO B 213 -13.17 -9.61 -18.69
N VAL B 214 -13.74 -8.44 -18.37
CA VAL B 214 -14.87 -8.34 -17.43
C VAL B 214 -16.04 -9.31 -17.72
N PRO B 215 -16.54 -9.37 -18.98
CA PRO B 215 -17.61 -10.33 -19.27
C PRO B 215 -17.23 -11.81 -19.08
N TYR B 216 -15.96 -12.15 -19.26
CA TYR B 216 -15.50 -13.55 -19.19
C TYR B 216 -15.00 -13.98 -17.82
N ALA B 217 -14.56 -13.02 -17.00
CA ALA B 217 -13.93 -13.34 -15.72
C ALA B 217 -14.84 -13.12 -14.52
N HIS B 218 -14.72 -14.00 -13.52
CA HIS B 218 -15.39 -13.81 -12.25
C HIS B 218 -14.76 -12.63 -11.51
N PHE B 219 -13.44 -12.56 -11.58
CA PHE B 219 -12.66 -11.48 -10.94
C PHE B 219 -11.68 -10.89 -11.95
N VAL B 220 -11.55 -9.58 -11.93
CA VAL B 220 -10.58 -8.87 -12.76
C VAL B 220 -9.72 -7.99 -11.86
N THR B 221 -8.49 -8.43 -11.62
CA THR B 221 -7.55 -7.61 -10.85
C THR B 221 -6.72 -6.72 -11.78
N THR B 222 -6.31 -5.57 -11.26
CA THR B 222 -5.50 -4.64 -12.03
C THR B 222 -4.69 -3.70 -11.14
N THR B 223 -3.63 -3.15 -11.73
CA THR B 223 -2.93 -2.00 -11.17
C THR B 223 -3.47 -0.76 -11.87
N THR B 224 -3.36 0.39 -11.22
CA THR B 224 -3.85 1.63 -11.80
C THR B 224 -2.75 2.44 -12.47
N HIS B 225 -1.49 2.07 -12.21
CA HIS B 225 -0.33 2.88 -12.62
C HIS B 225 0.34 2.50 -13.93
N LYS B 226 -0.09 1.41 -14.57
CA LYS B 226 0.54 0.97 -15.82
C LYS B 226 -0.04 1.70 -17.03
N THR B 227 -0.64 0.98 -17.98
CA THR B 227 -1.24 1.63 -19.16
C THR B 227 -2.49 2.43 -18.85
N LEU B 228 -3.02 2.28 -17.63
CA LEU B 228 -4.18 3.06 -17.17
C LEU B 228 -3.76 4.47 -16.76
N ARG B 229 -2.45 4.68 -16.57
CA ARG B 229 -1.85 6.00 -16.37
C ARG B 229 -2.32 6.71 -15.10
N GLY B 230 -2.52 5.94 -14.05
CA GLY B 230 -2.95 6.48 -12.75
C GLY B 230 -1.92 6.28 -11.65
N PRO B 231 -2.34 6.50 -10.38
CA PRO B 231 -1.44 6.39 -9.23
C PRO B 231 -0.99 4.95 -8.97
N ARG B 232 0.07 4.80 -8.17
CA ARG B 232 0.55 3.49 -7.81
C ARG B 232 -0.41 2.82 -6.83
N GLY B 233 -0.99 1.71 -7.26
CA GLY B 233 -1.95 0.98 -6.46
C GLY B 233 -2.73 -0.06 -7.24
N GLY B 234 -3.61 -0.77 -6.54
CA GLY B 234 -4.38 -1.84 -7.13
C GLY B 234 -5.89 -1.63 -7.09
N MET B 235 -6.60 -2.52 -7.79
CA MET B 235 -8.05 -2.48 -7.87
C MET B 235 -8.59 -3.88 -8.15
N ILE B 236 -9.75 -4.19 -7.56
CA ILE B 236 -10.45 -5.44 -7.86
C ILE B 236 -11.78 -5.16 -8.54
N LEU B 237 -11.99 -5.81 -9.68
CA LEU B 237 -13.28 -5.80 -10.37
C LEU B 237 -13.86 -7.19 -10.29
N CYS B 238 -15.15 -7.29 -9.97
CA CYS B 238 -15.79 -8.60 -9.86
C CYS B 238 -17.29 -8.54 -10.15
N GLN B 239 -17.86 -9.72 -10.40
CA GLN B 239 -19.31 -9.89 -10.54
C GLN B 239 -20.02 -9.66 -9.20
N GLU B 240 -21.28 -9.24 -9.29
CA GLU B 240 -22.05 -8.82 -8.11
C GLU B 240 -22.18 -9.88 -7.01
N GLN B 241 -22.17 -11.16 -7.39
CA GLN B 241 -22.30 -12.25 -6.43
C GLN B 241 -21.10 -12.40 -5.47
N PHE B 242 -19.94 -11.88 -5.86
CA PHE B 242 -18.74 -11.93 -5.02
C PHE B 242 -18.45 -10.59 -4.33
N ALA B 243 -19.22 -9.57 -4.68
CA ALA B 243 -18.99 -8.19 -4.21
C ALA B 243 -18.73 -8.09 -2.71
N LYS B 244 -19.62 -8.65 -1.90
CA LYS B 244 -19.54 -8.52 -0.45
C LYS B 244 -18.31 -9.25 0.10
N GLN B 245 -18.06 -10.46 -0.40
CA GLN B 245 -16.92 -11.28 0.03
C GLN B 245 -15.57 -10.65 -0.36
N ILE B 246 -15.56 -9.91 -1.46
CA ILE B 246 -14.36 -9.23 -1.93
C ILE B 246 -14.01 -8.05 -1.02
N ASP B 247 -15.03 -7.27 -0.68
CA ASP B 247 -14.89 -6.13 0.22
C ASP B 247 -14.41 -6.56 1.61
N LYS B 248 -14.88 -7.73 2.05
CA LYS B 248 -14.45 -8.32 3.32
C LYS B 248 -13.02 -8.85 3.25
N ALA B 249 -12.61 -9.33 2.09
CA ALA B 249 -11.25 -9.85 1.89
C ALA B 249 -10.19 -8.75 1.96
N ILE B 250 -10.49 -7.59 1.39
CA ILE B 250 -9.65 -6.41 1.54
C ILE B 250 -9.62 -5.98 3.01
N PHE B 251 -10.79 -5.76 3.60
CA PHE B 251 -10.90 -5.37 5.01
C PHE B 251 -12.11 -6.02 5.68
N PRO B 252 -11.91 -6.61 6.87
CA PRO B 252 -10.68 -6.64 7.65
C PRO B 252 -9.75 -7.82 7.34
N GLY B 253 -9.81 -8.32 6.10
CA GLY B 253 -9.06 -9.49 5.69
C GLY B 253 -7.55 -9.31 5.61
N ILE B 254 -7.08 -8.61 4.58
CA ILE B 254 -5.64 -8.50 4.31
C ILE B 254 -5.08 -7.08 4.41
N GLN B 255 -5.96 -6.09 4.53
CA GLN B 255 -5.52 -4.69 4.61
C GLN B 255 -6.10 -3.97 5.81
N GLY B 256 -5.43 -2.90 6.22
CA GLY B 256 -5.94 -2.03 7.26
C GLY B 256 -6.68 -0.86 6.63
N GLY B 257 -6.27 0.35 7.00
CA GLY B 257 -6.87 1.57 6.47
C GLY B 257 -6.51 1.76 5.02
N PRO B 258 -7.50 2.14 4.19
CA PRO B 258 -7.22 2.40 2.77
C PRO B 258 -6.45 3.71 2.60
N LEU B 259 -5.68 3.82 1.52
CA LEU B 259 -4.99 5.05 1.18
C LEU B 259 -5.93 5.99 0.42
N MET B 260 -6.67 6.82 1.16
CA MET B 260 -7.73 7.66 0.59
C MET B 260 -7.24 8.67 -0.45
N HIS B 261 -6.07 9.22 -0.20
CA HIS B 261 -5.42 10.15 -1.13
C HIS B 261 -5.10 9.46 -2.45
N VAL B 262 -4.63 8.22 -2.39
CA VAL B 262 -4.35 7.43 -3.59
C VAL B 262 -5.65 7.10 -4.32
N ILE B 263 -6.70 6.79 -3.56
CA ILE B 263 -8.05 6.55 -4.08
C ILE B 263 -8.65 7.79 -4.77
N ALA B 264 -8.28 8.98 -4.30
CA ALA B 264 -8.66 10.21 -4.98
C ALA B 264 -8.00 10.28 -6.36
N ALA B 265 -6.71 10.00 -6.40
CA ALA B 265 -5.95 9.99 -7.65
C ALA B 265 -6.41 8.86 -8.57
N LYS B 266 -6.90 7.77 -7.97
CA LYS B 266 -7.52 6.68 -8.74
C LYS B 266 -8.76 7.19 -9.47
N ALA B 267 -9.56 8.00 -8.77
CA ALA B 267 -10.75 8.63 -9.34
C ALA B 267 -10.41 9.60 -10.47
N VAL B 268 -9.32 10.35 -10.29
CA VAL B 268 -8.86 11.31 -11.29
C VAL B 268 -8.42 10.60 -12.58
N ALA B 269 -7.69 9.50 -12.41
CA ALA B 269 -7.15 8.76 -13.54
C ALA B 269 -8.24 8.15 -14.41
N PHE B 270 -9.25 7.56 -13.78
CA PHE B 270 -10.36 6.94 -14.50
C PHE B 270 -11.14 8.00 -15.26
N GLY B 271 -11.24 9.19 -14.67
CA GLY B 271 -11.86 10.35 -15.34
C GLY B 271 -11.10 10.80 -16.57
N GLU B 272 -9.77 10.71 -16.52
CA GLU B 272 -8.92 11.00 -17.66
C GLU B 272 -9.07 9.94 -18.75
N ALA B 273 -9.33 8.71 -18.33
CA ALA B 273 -9.50 7.58 -19.23
C ALA B 273 -10.87 7.54 -19.89
N LEU B 274 -11.83 8.24 -19.28
CA LEU B 274 -13.19 8.32 -19.81
C LEU B 274 -13.33 9.38 -20.91
N GLN B 275 -12.37 10.29 -20.97
CA GLN B 275 -12.35 11.36 -21.98
C GLN B 275 -11.99 10.80 -23.35
N ASP B 276 -12.32 11.54 -24.41
CA ASP B 276 -12.00 11.12 -25.78
C ASP B 276 -10.50 11.09 -26.05
N ASP B 277 -9.76 11.93 -25.35
CA ASP B 277 -8.30 12.00 -25.43
C ASP B 277 -7.64 10.64 -25.27
N PHE B 278 -8.08 9.90 -24.25
CA PHE B 278 -7.43 8.67 -23.84
C PHE B 278 -7.38 7.59 -24.93
N LYS B 279 -8.46 7.49 -25.70
CA LYS B 279 -8.57 6.47 -26.75
C LYS B 279 -7.55 6.71 -27.85
N ALA B 280 -7.41 7.98 -28.25
CA ALA B 280 -6.38 8.40 -29.19
C ALA B 280 -5.00 8.02 -28.65
N TYR B 281 -4.72 8.41 -27.41
CA TYR B 281 -3.46 8.09 -26.73
C TYR B 281 -3.16 6.60 -26.81
N ALA B 282 -4.12 5.79 -26.38
CA ALA B 282 -3.96 4.34 -26.33
C ALA B 282 -3.72 3.74 -27.71
N LYS B 283 -4.30 4.34 -28.75
CA LYS B 283 -4.05 3.91 -30.12
C LYS B 283 -2.57 4.10 -30.48
N ARG B 284 -2.03 5.26 -30.11
CA ARG B 284 -0.63 5.58 -30.38
C ARG B 284 0.31 4.66 -29.61
N VAL B 285 -0.08 4.28 -28.40
CA VAL B 285 0.68 3.34 -27.57
C VAL B 285 0.89 2.01 -28.31
N VAL B 286 -0.19 1.48 -28.87
CA VAL B 286 -0.14 0.23 -29.63
C VAL B 286 0.59 0.43 -30.97
N ASP B 287 0.36 1.56 -31.62
CA ASP B 287 1.01 1.87 -32.91
C ASP B 287 2.51 2.09 -32.77
N ASN B 288 2.91 2.82 -31.73
CA ASN B 288 4.33 3.05 -31.43
C ASN B 288 5.07 1.77 -31.08
N ALA B 289 4.41 0.88 -30.33
CA ALA B 289 5.01 -0.39 -29.96
C ALA B 289 5.21 -1.30 -31.17
N LYS B 290 4.24 -1.26 -32.10
CA LYS B 290 4.28 -2.06 -33.31
C LYS B 290 5.40 -1.59 -34.24
N ARG B 291 5.59 -0.27 -34.30
CA ARG B 291 6.66 0.34 -35.09
C ARG B 291 8.03 0.08 -34.48
N LEU B 292 8.16 0.30 -33.18
CA LEU B 292 9.41 0.07 -32.46
C LEU B 292 9.85 -1.38 -32.54
N ALA B 293 8.88 -2.31 -32.53
CA ALA B 293 9.15 -3.73 -32.66
C ALA B 293 9.73 -4.07 -34.04
N SER B 294 9.06 -3.58 -35.08
CA SER B 294 9.49 -3.78 -36.47
C SER B 294 10.87 -3.16 -36.71
N ALA B 295 11.08 -1.96 -36.18
CA ALA B 295 12.34 -1.24 -36.33
C ALA B 295 13.50 -1.98 -35.66
N LEU B 296 13.23 -2.60 -34.52
CA LEU B 296 14.23 -3.40 -33.80
C LEU B 296 14.60 -4.66 -34.56
N GLN B 297 13.61 -5.22 -35.27
CA GLN B 297 13.82 -6.43 -36.07
C GLN B 297 14.64 -6.16 -37.32
N ASN B 298 14.47 -4.97 -37.89
CA ASN B 298 15.28 -4.52 -39.02
C ASN B 298 16.74 -4.37 -38.60
N GLU B 299 16.95 -3.92 -37.37
CA GLU B 299 18.29 -3.79 -36.78
C GLU B 299 18.91 -5.16 -36.50
N GLY B 300 18.07 -6.19 -36.43
CA GLY B 300 18.55 -7.57 -36.31
C GLY B 300 18.20 -8.29 -35.02
N PHE B 301 17.43 -7.63 -34.16
CA PHE B 301 17.08 -8.20 -32.86
C PHE B 301 16.02 -9.31 -32.97
N THR B 302 16.21 -10.34 -32.17
CA THR B 302 15.25 -11.44 -32.10
C THR B 302 14.20 -11.11 -31.04
N LEU B 303 12.95 -11.02 -31.48
CA LEU B 303 11.85 -10.64 -30.60
C LEU B 303 11.00 -11.86 -30.22
N VAL B 304 10.72 -11.96 -28.92
CA VAL B 304 9.83 -13.00 -28.40
C VAL B 304 8.43 -12.79 -28.97
N SER B 305 7.92 -13.83 -29.64
CA SER B 305 6.63 -13.83 -30.36
C SER B 305 6.69 -13.18 -31.75
N GLY B 306 7.85 -12.61 -32.10
CA GLY B 306 8.07 -12.02 -33.42
C GLY B 306 7.52 -10.60 -33.60
N GLY B 307 7.04 -10.02 -32.52
CA GLY B 307 6.43 -8.68 -32.55
C GLY B 307 5.56 -8.41 -31.34
N THR B 308 4.58 -7.52 -31.51
CA THR B 308 3.70 -7.13 -30.41
C THR B 308 2.29 -6.75 -30.87
N ASP B 309 1.29 -7.15 -30.09
CA ASP B 309 -0.09 -6.74 -30.30
C ASP B 309 -0.54 -5.71 -29.27
N ASN B 310 0.35 -5.37 -28.34
CA ASN B 310 0.02 -4.44 -27.28
C ASN B 310 1.09 -3.36 -27.05
N HIS B 311 1.39 -3.07 -25.79
CA HIS B 311 2.28 -2.00 -25.40
C HIS B 311 3.71 -2.49 -25.14
N LEU B 312 3.91 -3.79 -25.28
CA LEU B 312 5.06 -4.48 -24.70
C LEU B 312 5.81 -5.35 -25.72
N LEU B 313 7.13 -5.43 -25.57
CA LEU B 313 7.96 -6.35 -26.36
C LEU B 313 9.16 -6.90 -25.58
N LEU B 314 9.51 -8.15 -25.85
CA LEU B 314 10.66 -8.82 -25.23
C LEU B 314 11.75 -9.11 -26.26
N VAL B 315 12.96 -8.62 -25.99
CA VAL B 315 14.09 -8.86 -26.88
C VAL B 315 14.89 -10.05 -26.37
N ASP B 316 14.99 -11.11 -27.19
CA ASP B 316 15.85 -12.25 -26.90
C ASP B 316 17.28 -11.90 -27.28
N LEU B 317 18.14 -11.78 -26.26
CA LEU B 317 19.49 -11.24 -26.45
C LEU B 317 20.60 -12.28 -26.58
N ARG B 318 20.22 -13.56 -26.56
CA ARG B 318 21.17 -14.67 -26.67
C ARG B 318 22.03 -14.64 -27.95
N PRO B 319 21.44 -14.30 -29.12
CA PRO B 319 22.25 -14.19 -30.33
C PRO B 319 23.42 -13.22 -30.24
N GLN B 320 23.27 -12.15 -29.45
CA GLN B 320 24.34 -11.16 -29.31
C GLN B 320 25.18 -11.36 -28.04
N GLN B 321 25.03 -12.54 -27.43
CA GLN B 321 25.87 -12.99 -26.30
C GLN B 321 25.71 -12.13 -25.03
N LEU B 322 24.63 -11.35 -24.94
CA LEU B 322 24.43 -10.48 -23.79
C LEU B 322 23.31 -10.98 -22.90
N THR B 323 23.51 -10.91 -21.59
CA THR B 323 22.44 -11.14 -20.63
C THR B 323 21.57 -9.89 -20.55
N GLY B 324 20.36 -10.03 -20.01
CA GLY B 324 19.46 -8.89 -19.81
C GLY B 324 20.05 -7.88 -18.84
N LYS B 325 20.67 -8.39 -17.78
CA LYS B 325 21.34 -7.58 -16.77
C LYS B 325 22.38 -6.66 -17.40
N THR B 326 23.21 -7.20 -18.29
CA THR B 326 24.22 -6.42 -19.00
C THR B 326 23.59 -5.37 -19.93
N ALA B 327 22.54 -5.77 -20.65
CA ALA B 327 21.87 -4.91 -21.62
C ALA B 327 21.14 -3.74 -20.97
N GLU B 328 20.60 -3.99 -19.77
CA GLU B 328 19.97 -2.96 -18.98
C GLU B 328 20.99 -1.91 -18.54
N LYS B 329 22.15 -2.37 -18.10
CA LYS B 329 23.22 -1.51 -17.59
C LYS B 329 23.83 -0.62 -18.68
N VAL B 330 24.03 -1.20 -19.86
CA VAL B 330 24.65 -0.48 -20.97
C VAL B 330 23.71 0.56 -21.60
N LEU B 331 22.41 0.25 -21.65
CA LEU B 331 21.42 1.21 -22.15
C LEU B 331 21.20 2.37 -21.18
N ASP B 332 21.28 2.10 -19.88
CA ASP B 332 21.25 3.14 -18.85
C ASP B 332 22.39 4.14 -19.02
N GLU B 333 23.58 3.64 -19.36
CA GLU B 333 24.74 4.47 -19.65
C GLU B 333 24.46 5.48 -20.75
N VAL B 334 23.80 5.03 -21.82
CA VAL B 334 23.53 5.90 -22.97
C VAL B 334 22.24 6.73 -22.83
N GLY B 335 21.47 6.44 -21.78
CA GLY B 335 20.28 7.23 -21.46
C GLY B 335 18.95 6.57 -21.79
N ILE B 336 18.98 5.27 -22.04
CA ILE B 336 17.77 4.50 -22.33
C ILE B 336 17.48 3.56 -21.16
N THR B 337 16.33 3.76 -20.53
CA THR B 337 15.98 3.01 -19.32
C THR B 337 14.97 1.88 -19.59
N VAL B 338 15.45 0.65 -19.43
CA VAL B 338 14.63 -0.56 -19.52
C VAL B 338 14.84 -1.39 -18.26
N ASN B 339 14.18 -2.55 -18.20
CA ASN B 339 14.51 -3.54 -17.18
C ASN B 339 14.87 -4.88 -17.79
N LYS B 340 15.85 -5.53 -17.18
CA LYS B 340 16.21 -6.91 -17.51
C LYS B 340 14.97 -7.78 -17.31
N ASN B 341 14.74 -8.72 -18.22
CA ASN B 341 13.54 -9.55 -18.14
C ASN B 341 13.74 -10.96 -18.64
N THR B 342 13.20 -11.93 -17.89
CA THR B 342 13.26 -13.33 -18.29
C THR B 342 12.45 -13.55 -19.56
N ILE B 343 12.97 -14.41 -20.43
CA ILE B 343 12.27 -14.82 -21.63
C ILE B 343 11.78 -16.27 -21.45
N PRO B 344 10.82 -16.72 -22.29
CA PRO B 344 10.43 -18.14 -22.24
C PRO B 344 11.64 -19.08 -22.29
N TYR B 345 11.68 -20.02 -21.34
CA TYR B 345 12.72 -21.06 -21.27
C TYR B 345 14.12 -20.47 -21.03
N ASP B 346 14.17 -19.41 -20.22
CA ASP B 346 15.41 -18.72 -19.88
C ASP B 346 16.38 -19.67 -19.18
N PRO B 347 17.59 -19.84 -19.74
CA PRO B 347 18.63 -20.63 -19.07
C PRO B 347 19.18 -19.97 -17.80
N GLU B 348 19.05 -18.64 -17.72
CA GLU B 348 19.55 -17.86 -16.58
C GLU B 348 18.48 -17.62 -15.53
N SER B 349 18.90 -17.24 -14.32
CA SER B 349 17.97 -16.94 -13.23
C SER B 349 17.35 -15.53 -13.39
N PRO B 350 16.21 -15.26 -12.70
CA PRO B 350 15.50 -13.97 -12.82
C PRO B 350 16.33 -12.72 -12.51
N GLY B 351 17.49 -12.91 -11.89
CA GLY B 351 18.38 -11.79 -11.55
C GLY B 351 19.38 -11.46 -12.64
N VAL B 352 19.49 -12.35 -13.62
CA VAL B 352 20.45 -12.19 -14.71
C VAL B 352 19.71 -12.05 -16.06
N THR B 353 18.92 -13.07 -16.39
CA THR B 353 18.02 -13.08 -17.57
C THR B 353 18.72 -13.06 -18.94
N SER B 354 18.00 -13.52 -19.97
CA SER B 354 18.52 -13.56 -21.33
C SER B 354 17.93 -12.47 -22.24
N GLY B 355 17.18 -11.53 -21.66
CA GLY B 355 16.53 -10.49 -22.47
C GLY B 355 16.10 -9.21 -21.79
N ILE B 356 15.54 -8.30 -22.58
CA ILE B 356 15.01 -7.03 -22.05
C ILE B 356 13.57 -6.77 -22.49
N ARG B 357 12.80 -6.15 -21.60
CA ARG B 357 11.41 -5.81 -21.87
C ARG B 357 11.27 -4.31 -22.12
N ILE B 358 10.55 -3.96 -23.17
CA ILE B 358 10.39 -2.57 -23.60
C ILE B 358 8.91 -2.22 -23.78
N GLY B 359 8.51 -1.10 -23.20
CA GLY B 359 7.15 -0.57 -23.38
C GLY B 359 7.12 0.85 -23.88
N THR B 360 6.00 1.24 -24.48
CA THR B 360 5.86 2.58 -25.08
C THR B 360 4.85 3.48 -24.37
N ALA B 361 4.09 2.94 -23.43
CA ALA B 361 3.08 3.72 -22.70
C ALA B 361 3.61 5.05 -22.16
N ALA B 362 4.83 5.03 -21.63
CA ALA B 362 5.44 6.22 -21.02
C ALA B 362 5.95 7.24 -22.04
N VAL B 363 6.61 6.78 -23.11
CA VAL B 363 7.14 7.67 -24.14
C VAL B 363 6.04 8.25 -25.03
N THR B 364 4.91 7.54 -25.12
CA THR B 364 3.76 8.02 -25.87
C THR B 364 3.06 9.15 -25.11
N THR B 365 3.07 9.04 -23.78
CA THR B 365 2.50 10.08 -22.92
C THR B 365 3.20 11.42 -23.12
N ARG B 366 4.51 11.39 -23.38
CA ARG B 366 5.29 12.62 -23.61
C ARG B 366 5.28 13.09 -25.07
N GLY B 367 4.63 12.34 -25.96
CA GLY B 367 4.36 12.78 -27.32
C GLY B 367 5.21 12.18 -28.43
N PHE B 368 5.90 11.08 -28.13
CA PHE B 368 6.70 10.39 -29.14
C PHE B 368 5.80 9.70 -30.15
N GLY B 369 6.15 9.80 -31.43
CA GLY B 369 5.36 9.20 -32.50
C GLY B 369 6.05 8.01 -33.14
N LEU B 370 5.63 7.70 -34.36
CA LEU B 370 6.16 6.56 -35.12
C LEU B 370 7.61 6.77 -35.54
N GLU B 371 7.98 8.04 -35.75
CA GLU B 371 9.32 8.41 -36.20
C GLU B 371 10.36 8.33 -35.08
N GLU B 372 9.92 8.59 -33.85
CA GLU B 372 10.77 8.48 -32.66
C GLU B 372 11.15 7.03 -32.38
N MET B 373 10.21 6.12 -32.64
CA MET B 373 10.42 4.68 -32.45
C MET B 373 11.52 4.15 -33.37
N ASP B 374 11.57 4.68 -34.59
CA ASP B 374 12.63 4.36 -35.54
C ASP B 374 14.01 4.71 -34.98
N GLU B 375 14.14 5.93 -34.47
CA GLU B 375 15.39 6.40 -33.87
C GLU B 375 15.79 5.56 -32.64
N ILE B 376 14.83 5.34 -31.74
CA ILE B 376 15.06 4.54 -30.53
C ILE B 376 15.60 3.16 -30.85
N ALA B 377 15.00 2.49 -31.83
CA ALA B 377 15.45 1.16 -32.26
C ALA B 377 16.85 1.20 -32.88
N ALA B 378 17.18 2.30 -33.54
CA ALA B 378 18.51 2.47 -34.14
C ALA B 378 19.58 2.60 -33.06
N ILE B 379 19.32 3.46 -32.08
CA ILE B 379 20.23 3.66 -30.93
C ILE B 379 20.45 2.36 -30.18
N ILE B 380 19.37 1.63 -29.90
CA ILE B 380 19.45 0.34 -29.21
C ILE B 380 20.29 -0.65 -30.04
N GLY B 381 20.17 -0.55 -31.37
CA GLY B 381 20.95 -1.38 -32.29
C GLY B 381 22.43 -1.02 -32.31
N LEU B 382 22.72 0.27 -32.27
CA LEU B 382 24.09 0.78 -32.25
C LEU B 382 24.84 0.33 -30.99
N VAL B 383 24.17 0.43 -29.85
CA VAL B 383 24.77 0.20 -28.55
C VAL B 383 24.95 -1.28 -28.23
N LEU B 384 23.87 -2.05 -28.33
CA LEU B 384 23.88 -3.46 -27.95
C LEU B 384 24.73 -4.34 -28.88
N LYS B 385 25.04 -3.84 -30.06
CA LYS B 385 25.92 -4.55 -30.99
C LYS B 385 27.38 -4.08 -30.89
N ASN B 386 27.58 -2.80 -30.53
CA ASN B 386 28.91 -2.27 -30.25
C ASN B 386 29.04 -1.96 -28.76
N VAL B 387 29.06 -3.02 -27.95
CA VAL B 387 29.00 -2.92 -26.50
C VAL B 387 30.15 -2.11 -25.92
N GLY B 388 31.38 -2.53 -26.23
CA GLY B 388 32.58 -1.90 -25.67
C GLY B 388 32.97 -0.59 -26.33
N SER B 389 32.44 -0.33 -27.53
CA SER B 389 32.79 0.85 -28.31
C SER B 389 32.39 2.16 -27.63
N GLU B 390 33.39 2.92 -27.19
CA GLU B 390 33.17 4.18 -26.48
C GLU B 390 32.64 5.31 -27.36
N GLN B 391 32.95 5.28 -28.65
CA GLN B 391 32.43 6.27 -29.58
C GLN B 391 30.97 5.98 -29.95
N ALA B 392 30.58 4.71 -29.85
CA ALA B 392 29.20 4.28 -30.11
C ALA B 392 28.27 4.63 -28.95
N LEU B 393 28.82 4.65 -27.74
CA LEU B 393 28.06 5.04 -26.56
C LEU B 393 27.81 6.54 -26.53
N GLU B 394 28.77 7.30 -27.03
CA GLU B 394 28.68 8.77 -27.06
C GLU B 394 27.67 9.27 -28.09
N GLU B 395 27.66 8.62 -29.26
CA GLU B 395 26.72 8.97 -30.32
C GLU B 395 25.30 8.71 -29.85
N ALA B 396 25.11 7.60 -29.15
CA ALA B 396 23.82 7.25 -28.55
C ALA B 396 23.35 8.33 -27.59
N ARG B 397 24.24 8.77 -26.70
CA ARG B 397 23.96 9.83 -25.74
C ARG B 397 23.49 11.12 -26.40
N GLN B 398 24.07 11.44 -27.55
CA GLN B 398 23.74 12.65 -28.29
C GLN B 398 22.39 12.52 -28.99
N ARG B 399 22.09 11.30 -29.46
CA ARG B 399 20.84 11.01 -30.15
C ARG B 399 19.67 10.87 -29.18
N VAL B 400 19.98 10.45 -27.96
CA VAL B 400 18.99 10.39 -26.87
C VAL B 400 18.60 11.80 -26.43
N ALA B 401 19.58 12.70 -26.36
CA ALA B 401 19.34 14.09 -25.95
C ALA B 401 18.63 14.90 -27.04
N ALA B 402 18.82 14.49 -28.30
CA ALA B 402 18.12 15.08 -29.43
C ALA B 402 16.63 14.74 -29.40
N LEU B 403 16.31 13.53 -28.95
CA LEU B 403 14.93 13.09 -28.79
C LEU B 403 14.25 13.74 -27.58
N THR B 404 14.94 13.73 -26.45
CA THR B 404 14.35 14.19 -25.18
C THR B 404 14.41 15.70 -24.97
N ASP B 405 15.07 16.41 -25.89
CA ASP B 405 15.20 17.89 -25.85
C ASP B 405 16.00 18.35 -24.62
#